data_4R23
#
_entry.id   4R23
#
_cell.length_a   67.611
_cell.length_b   69.882
_cell.length_c   114.251
_cell.angle_alpha   90.00
_cell.angle_beta   96.87
_cell.angle_gamma   90.00
#
_symmetry.space_group_name_H-M   'P 1 21 1'
#
loop_
_entity.id
_entity.type
_entity.pdbx_description
1 polymer 'Peptidoglycan glycosyltransferase'
2 non-polymer 'Dicloxacillin, open form'
3 non-polymer 1-ETHOXY-2-(2-ETHOXYETHOXY)ETHANE
4 non-polymer 1,2-ETHANEDIOL
5 water water
#
_entity_poly.entity_id   1
_entity_poly.type   'polypeptide(L)'
_entity_poly.pdbx_seq_one_letter_code
;(MSE)HHHHHHSSGVDLWSHPQFEKGTENLYFQSNAIDAPRLQALPTNNHTIAKSAYVQRGAIITSDGVTLAESVKQDDG
TYVRNYPHDG(MSE)ASHTVGYISTQYGTAGIESS(MSE)NETLTGHADHSDWRSALYS(MSE)AGINTTGSSVVLTINS
Q(MSE)QAVAEAALQGYSGSIVV(MSE)DPSTGAVLAKASSPSYTHAELGTIIESGTGSQLVDRTTQALYSPGSSFKTVT
LAAGIDTHKTTLDTTYSAPGT(MSE)EIGGGTIHNYANED(MSE)GTIPLREAFARSSNTALAQLGVALGADNLVSYARA
FGYGTALGQDFSTTPSL(MSE)PNPAE(MSE)TTWELAWASCGLPVGEHASPAGPQTTV(MSE)QNAVIAAAIANGGVV
(MSE)NPYIVDRVLSPEGAVVSTTSPKSLGQAVSADTAAQVREA(MSE)LGVVESGTG(MSE)GARVPGVKIAGKTGTAD
VENGNFNSFFIGFAPYDHPTLVVSVVIEGNGENVLGYGAQVGGRVLAQCLNIQALGAAS
;
_entity_poly.pdbx_strand_id   A,B
#
# COMPACT_ATOMS: atom_id res chain seq x y z
N LYS A 50 35.10 -37.68 18.69
CA LYS A 50 34.21 -38.69 18.06
C LYS A 50 33.17 -38.08 17.13
N SER A 51 32.67 -36.87 17.46
CA SER A 51 31.40 -36.40 16.89
C SER A 51 31.47 -35.88 15.44
N ALA A 52 32.66 -35.54 14.94
CA ALA A 52 32.81 -35.26 13.51
C ALA A 52 32.48 -36.50 12.64
N TYR A 53 32.60 -37.69 13.21
CA TYR A 53 32.33 -38.91 12.42
C TYR A 53 30.86 -39.35 12.42
N VAL A 54 30.04 -38.66 13.23
CA VAL A 54 28.61 -39.01 13.35
C VAL A 54 27.86 -37.99 12.54
N GLN A 55 27.03 -38.48 11.64
CA GLN A 55 26.32 -37.58 10.75
C GLN A 55 25.22 -36.76 11.46
N ARG A 56 25.21 -35.46 11.19
CA ARG A 56 24.23 -34.56 11.78
C ARG A 56 22.96 -34.69 10.95
N GLY A 57 21.81 -34.69 11.62
CA GLY A 57 20.52 -34.71 10.89
C GLY A 57 20.28 -33.47 10.01
N ALA A 58 19.34 -33.60 9.07
CA ALA A 58 18.98 -32.50 8.16
C ALA A 58 17.94 -31.54 8.79
N ILE A 59 17.93 -30.31 8.30
CA ILE A 59 16.87 -29.32 8.63
C ILE A 59 16.10 -29.02 7.35
N ILE A 60 14.80 -29.26 7.38
CA ILE A 60 13.96 -29.24 6.17
C ILE A 60 12.70 -28.43 6.38
N THR A 61 12.26 -27.68 5.38
CA THR A 61 10.96 -26.99 5.48
C THR A 61 9.79 -27.96 5.38
N SER A 62 8.61 -27.49 5.79
CA SER A 62 7.37 -28.27 5.72
C SER A 62 7.04 -28.68 4.32
N ASP A 63 7.43 -27.89 3.34
CA ASP A 63 7.14 -28.27 1.96
C ASP A 63 8.29 -29.00 1.32
N GLY A 64 9.26 -29.46 2.11
CA GLY A 64 10.28 -30.36 1.60
C GLY A 64 11.54 -29.73 1.06
N VAL A 65 11.88 -28.51 1.50
CA VAL A 65 13.12 -27.92 1.04
C VAL A 65 14.21 -28.08 2.08
N THR A 66 15.30 -28.76 1.71
CA THR A 66 16.39 -28.98 2.63
C THR A 66 17.26 -27.73 2.75
N LEU A 67 17.42 -27.27 3.98
CA LEU A 67 18.16 -26.05 4.26
C LEU A 67 19.48 -26.32 5.00
N ALA A 68 19.62 -27.47 5.66
CA ALA A 68 20.90 -27.86 6.23
C ALA A 68 21.04 -29.38 6.16
N GLU A 69 22.28 -29.83 6.01
CA GLU A 69 22.57 -31.20 5.57
C GLU A 69 23.99 -31.49 6.01
N SER A 70 24.33 -32.75 6.28
CA SER A 70 25.71 -33.14 6.50
C SER A 70 26.19 -34.11 5.44
N VAL A 71 27.39 -33.88 4.91
CA VAL A 71 27.93 -34.79 3.90
C VAL A 71 29.23 -35.43 4.36
N LYS A 72 29.31 -36.73 4.11
CA LYS A 72 30.44 -37.54 4.48
C LYS A 72 31.64 -37.18 3.62
N GLN A 73 32.81 -37.14 4.25
CA GLN A 73 34.07 -36.93 3.53
C GLN A 73 34.75 -38.25 3.32
N ASP A 74 35.75 -38.24 2.44
CA ASP A 74 36.60 -39.42 2.22
C ASP A 74 37.48 -39.63 3.44
N ASP A 75 37.81 -38.53 4.11
CA ASP A 75 38.27 -38.52 5.50
C ASP A 75 37.40 -39.34 6.53
N GLY A 76 36.11 -39.55 6.23
CA GLY A 76 35.16 -40.24 7.13
C GLY A 76 34.28 -39.26 7.91
N THR A 77 34.81 -38.06 8.17
CA THR A 77 34.08 -37.02 8.87
C THR A 77 32.97 -36.47 8.00
N TYR A 78 32.19 -35.56 8.58
CA TYR A 78 31.01 -34.98 7.93
C TYR A 78 31.18 -33.48 7.90
N VAL A 79 30.79 -32.86 6.79
CA VAL A 79 30.77 -31.40 6.70
C VAL A 79 29.35 -30.91 6.54
N ARG A 80 29.07 -29.81 7.23
CA ARG A 80 27.76 -29.21 7.21
C ARG A 80 27.60 -28.37 5.97
N ASN A 81 26.58 -28.69 5.17
CA ASN A 81 26.23 -27.97 3.96
C ASN A 81 24.87 -27.22 4.14
N TYR A 82 24.73 -26.08 3.47
CA TYR A 82 23.53 -25.24 3.55
C TYR A 82 23.02 -24.90 2.15
N PRO A 83 22.23 -25.81 1.55
CA PRO A 83 21.60 -25.50 0.26
C PRO A 83 20.66 -24.31 0.41
N HIS A 84 20.45 -23.58 -0.68
CA HIS A 84 19.66 -22.36 -0.68
C HIS A 84 20.15 -21.44 0.40
N ASP A 85 21.47 -21.35 0.53
CA ASP A 85 22.13 -20.66 1.61
C ASP A 85 21.61 -19.24 1.59
N GLY A 86 21.12 -18.77 2.71
CA GLY A 86 20.55 -17.42 2.75
C GLY A 86 19.06 -17.48 3.05
N ALA A 88 16.01 -18.22 5.26
CA ALA A 88 15.68 -18.49 6.64
C ALA A 88 16.96 -18.65 7.49
N SER A 89 18.00 -17.93 7.13
CA SER A 89 19.30 -18.05 7.80
C SER A 89 19.20 -17.98 9.33
N HIS A 90 18.49 -17.03 9.86
CA HIS A 90 18.48 -16.88 11.32
C HIS A 90 17.75 -18.01 11.98
N THR A 91 16.71 -18.51 11.32
CA THR A 91 15.97 -19.63 11.84
C THR A 91 16.76 -20.96 11.78
N VAL A 92 17.43 -21.20 10.65
CA VAL A 92 18.25 -22.37 10.50
C VAL A 92 19.42 -22.28 11.47
N GLY A 93 20.07 -21.12 11.52
CA GLY A 93 21.13 -20.87 12.49
C GLY A 93 22.47 -21.53 12.11
N TYR A 94 23.31 -21.66 13.13
CA TYR A 94 24.76 -21.96 12.98
C TYR A 94 25.34 -22.35 14.31
N ILE A 95 26.48 -23.04 14.24
CA ILE A 95 27.32 -23.34 15.37
C ILE A 95 28.71 -22.87 14.93
N SER A 96 29.22 -21.83 15.58
CA SER A 96 30.46 -21.21 15.19
C SER A 96 31.26 -20.82 16.44
N THR A 97 32.52 -21.19 16.50
CA THR A 97 33.35 -20.75 17.60
C THR A 97 33.35 -19.21 17.73
N GLN A 98 33.56 -18.53 16.63
CA GLN A 98 33.64 -17.08 16.63
C GLN A 98 32.30 -16.40 16.85
N TYR A 99 31.26 -16.90 16.20
CA TYR A 99 29.96 -16.24 16.14
C TYR A 99 28.92 -16.74 17.12
N GLY A 100 29.16 -17.87 17.79
CA GLY A 100 28.23 -18.38 18.77
C GLY A 100 27.34 -19.43 18.10
N THR A 101 26.20 -19.67 18.73
CA THR A 101 25.21 -20.60 18.20
C THR A 101 23.90 -19.88 18.09
N ALA A 102 23.07 -20.31 17.15
CA ALA A 102 21.77 -19.70 16.99
C ALA A 102 20.86 -20.69 16.25
N GLY A 103 19.58 -20.38 16.32
CA GLY A 103 18.53 -21.02 15.55
C GLY A 103 18.37 -22.47 15.89
N ILE A 104 17.93 -23.23 14.87
CA ILE A 104 17.58 -24.63 15.04
C ILE A 104 18.82 -25.50 15.25
N GLU A 105 19.88 -25.22 14.49
CA GLU A 105 21.18 -25.83 14.79
C GLU A 105 21.50 -25.77 16.29
N SER A 106 21.22 -24.66 16.94
CA SER A 106 21.43 -24.55 18.38
C SER A 106 20.27 -25.21 19.15
N SER A 107 19.04 -24.74 18.96
CA SER A 107 17.93 -25.17 19.85
C SER A 107 17.63 -26.67 19.74
N ASN A 109 19.88 -28.99 18.93
CA ASN A 109 21.20 -29.58 18.82
C ASN A 109 21.25 -31.03 19.30
N GLU A 110 20.63 -31.32 20.45
CA GLU A 110 20.64 -32.72 20.97
C GLU A 110 20.04 -33.69 19.95
N THR A 111 18.93 -33.28 19.32
CA THR A 111 18.20 -34.08 18.35
C THR A 111 18.98 -34.30 17.05
N LEU A 112 19.50 -33.21 16.49
CA LEU A 112 20.34 -33.28 15.28
C LEU A 112 21.69 -34.00 15.49
N THR A 113 22.35 -33.75 16.64
CA THR A 113 23.65 -34.43 17.01
C THR A 113 23.48 -35.94 17.03
N GLY A 114 22.45 -36.39 17.72
CA GLY A 114 22.18 -37.83 17.82
C GLY A 114 22.80 -38.42 19.08
N HIS A 115 21.95 -38.69 20.07
CA HIS A 115 22.36 -39.42 21.26
C HIS A 115 22.39 -40.91 20.93
N ARG A 122 32.00 -49.85 23.04
CA ARG A 122 31.48 -49.50 21.72
C ARG A 122 31.77 -48.00 21.38
N SER A 123 31.43 -47.10 22.28
CA SER A 123 31.78 -45.67 22.11
C SER A 123 33.30 -45.44 22.20
N ALA A 124 34.04 -46.41 22.74
CA ALA A 124 35.49 -46.31 22.82
C ALA A 124 36.19 -46.40 21.45
N LEU A 125 35.48 -46.87 20.43
CA LEU A 125 36.06 -46.96 19.10
C LEU A 125 35.56 -45.84 18.18
N TYR A 126 36.44 -44.90 17.83
CA TYR A 126 36.07 -43.87 16.89
C TYR A 126 35.70 -44.48 15.56
N SER A 127 36.32 -45.59 15.18
CA SER A 127 36.01 -46.23 13.91
C SER A 127 34.57 -46.71 13.82
N ALA A 129 32.02 -45.03 15.45
CA ALA A 129 31.15 -43.88 15.73
C ALA A 129 30.13 -43.69 14.60
N GLY A 130 30.59 -43.85 13.37
CA GLY A 130 29.70 -43.85 12.19
C GLY A 130 28.48 -44.75 12.26
N ILE A 131 28.64 -45.95 12.81
CA ILE A 131 27.53 -46.85 13.05
C ILE A 131 27.01 -46.54 14.44
N THR A 133 25.69 -43.16 15.86
CA THR A 133 24.63 -43.41 14.89
C THR A 133 23.84 -42.13 14.63
N THR A 134 23.32 -42.02 13.39
CA THR A 134 22.94 -40.72 12.80
C THR A 134 21.98 -39.88 13.62
N GLY A 135 22.25 -38.57 13.60
CA GLY A 135 21.33 -37.61 14.13
C GLY A 135 19.99 -37.72 13.41
N SER A 136 18.96 -37.21 14.08
CA SER A 136 17.63 -37.33 13.52
C SER A 136 17.36 -35.98 12.86
N SER A 137 16.43 -35.91 11.90
CA SER A 137 16.16 -34.71 11.13
C SER A 137 15.00 -33.90 11.67
N VAL A 138 14.95 -32.62 11.32
CA VAL A 138 13.94 -31.74 11.83
C VAL A 138 13.19 -31.14 10.66
N VAL A 139 11.87 -31.33 10.66
CA VAL A 139 11.00 -30.69 9.69
C VAL A 139 10.35 -29.47 10.35
N LEU A 140 10.59 -28.31 9.75
CA LEU A 140 10.09 -27.07 10.32
C LEU A 140 8.66 -26.84 9.85
N THR A 141 7.97 -25.96 10.58
CA THR A 141 6.67 -25.45 10.19
C THR A 141 6.79 -24.37 9.11
N ILE A 142 7.99 -23.85 8.90
CA ILE A 142 8.23 -22.88 7.83
C ILE A 142 7.91 -23.43 6.45
N ASN A 143 7.11 -22.68 5.67
CA ASN A 143 6.84 -22.96 4.29
C ASN A 143 7.77 -22.11 3.42
N SER A 144 8.46 -22.73 2.45
CA SER A 144 9.54 -22.07 1.70
C SER A 144 9.02 -20.93 0.81
N GLN A 145 7.82 -21.09 0.31
CA GLN A 145 7.19 -20.04 -0.50
C GLN A 145 6.82 -18.81 0.33
N GLN A 147 8.13 -18.14 3.20
CA GLN A 147 9.46 -17.61 3.62
C GLN A 147 10.06 -16.65 2.55
N ALA A 148 9.99 -17.04 1.28
CA ALA A 148 10.52 -16.23 0.22
C ALA A 148 9.75 -14.90 0.06
N VAL A 149 8.43 -14.97 0.25
CA VAL A 149 7.58 -13.78 0.23
C VAL A 149 8.02 -12.77 1.32
N ALA A 150 8.25 -13.26 2.54
CA ALA A 150 8.65 -12.36 3.65
C ALA A 150 10.04 -11.78 3.41
N GLU A 151 10.94 -12.62 2.90
CA GLU A 151 12.28 -12.14 2.61
C GLU A 151 12.29 -11.08 1.50
N ALA A 152 11.52 -11.30 0.44
CA ALA A 152 11.37 -10.30 -0.64
C ALA A 152 10.81 -8.95 -0.15
N ALA A 153 9.81 -9.01 0.72
CA ALA A 153 9.22 -7.79 1.25
C ALA A 153 10.18 -6.97 2.09
N LEU A 154 11.22 -7.56 2.66
CA LEU A 154 12.26 -6.82 3.43
C LEU A 154 13.46 -6.36 2.64
N GLN A 155 13.58 -6.76 1.37
CA GLN A 155 14.73 -6.35 0.60
C GLN A 155 14.87 -4.85 0.61
N GLY A 156 16.05 -4.38 0.95
CA GLY A 156 16.34 -2.97 0.98
C GLY A 156 16.09 -2.33 2.33
N TYR A 157 15.48 -3.05 3.28
CA TYR A 157 15.14 -2.49 4.60
C TYR A 157 15.77 -3.30 5.72
N SER A 158 15.96 -2.66 6.87
CA SER A 158 16.17 -3.41 8.11
C SER A 158 14.83 -3.60 8.81
N GLY A 159 14.65 -4.78 9.39
CA GLY A 159 13.45 -5.10 10.18
C GLY A 159 13.16 -6.56 10.16
N SER A 160 11.90 -6.93 10.37
CA SER A 160 11.57 -8.32 10.40
C SER A 160 10.09 -8.56 10.19
N ILE A 161 9.80 -9.80 9.82
CA ILE A 161 8.42 -10.25 9.55
C ILE A 161 8.24 -11.67 10.12
N VAL A 162 7.09 -11.91 10.76
CA VAL A 162 6.66 -13.25 11.22
C VAL A 162 5.29 -13.49 10.64
N VAL A 163 5.12 -14.64 10.01
CA VAL A 163 3.79 -15.11 9.63
C VAL A 163 3.47 -16.36 10.47
N ASP A 165 0.29 -19.22 12.02
CA ASP A 165 -1.08 -19.77 11.99
C ASP A 165 -1.80 -19.42 13.29
N PRO A 166 -2.93 -18.73 13.22
CA PRO A 166 -3.44 -18.22 14.52
C PRO A 166 -4.06 -19.30 15.43
N SER A 167 -4.49 -20.43 14.87
CA SER A 167 -5.13 -21.41 15.74
C SER A 167 -4.08 -22.31 16.44
N THR A 168 -2.87 -22.36 15.91
CA THR A 168 -1.86 -23.21 16.52
C THR A 168 -0.62 -22.55 17.05
N GLY A 169 -0.23 -21.40 16.49
CA GLY A 169 1.05 -20.78 16.84
C GLY A 169 2.17 -21.28 15.96
N ALA A 170 1.88 -22.10 14.98
CA ALA A 170 2.91 -22.57 14.05
C ALA A 170 3.47 -21.39 13.29
N VAL A 171 4.78 -21.30 13.18
CA VAL A 171 5.44 -20.19 12.52
C VAL A 171 5.69 -20.62 11.08
N LEU A 172 5.00 -19.93 10.18
CA LEU A 172 5.03 -20.26 8.77
C LEU A 172 6.13 -19.56 7.94
N ALA A 173 6.50 -18.36 8.39
CA ALA A 173 7.62 -17.63 7.84
C ALA A 173 8.20 -16.76 8.93
N LYS A 174 9.51 -16.56 8.89
CA LYS A 174 10.18 -15.82 9.95
C LYS A 174 11.42 -15.24 9.24
N ALA A 175 11.45 -13.92 9.04
CA ALA A 175 12.55 -13.31 8.32
C ALA A 175 13.05 -12.11 9.08
N SER A 176 14.36 -11.94 9.07
CA SER A 176 15.01 -10.76 9.66
C SER A 176 16.00 -10.19 8.62
N SER A 177 16.16 -8.88 8.64
CA SER A 177 17.00 -8.19 7.64
C SER A 177 17.74 -7.06 8.36
N PRO A 178 19.01 -6.85 8.05
CA PRO A 178 19.84 -7.54 7.06
C PRO A 178 20.14 -8.96 7.50
N SER A 179 20.39 -9.82 6.52
CA SER A 179 20.64 -11.18 6.84
C SER A 179 22.07 -11.59 6.42
N TYR A 180 22.34 -12.87 6.33
CA TYR A 180 23.69 -13.33 6.10
C TYR A 180 23.55 -14.65 5.43
N THR A 181 24.64 -15.13 4.86
CA THR A 181 24.72 -16.52 4.43
C THR A 181 25.70 -17.24 5.31
N HIS A 182 25.52 -18.55 5.38
CA HIS A 182 26.46 -19.38 6.12
C HIS A 182 27.84 -19.36 5.54
N ALA A 183 27.93 -19.24 4.22
CA ALA A 183 29.23 -19.10 3.58
C ALA A 183 29.97 -17.89 4.18
N GLU A 184 29.26 -16.82 4.48
CA GLU A 184 29.86 -15.64 5.11
C GLU A 184 30.43 -15.85 6.50
N LEU A 185 29.87 -16.76 7.27
CA LEU A 185 30.41 -17.05 8.58
C LEU A 185 31.77 -17.71 8.53
N GLY A 186 32.21 -18.17 7.37
CA GLY A 186 33.57 -18.66 7.20
C GLY A 186 34.63 -17.58 7.02
N THR A 187 34.28 -16.31 7.11
CA THR A 187 35.23 -15.20 7.04
C THR A 187 34.93 -14.23 8.18
N ILE A 188 35.39 -12.98 8.05
CA ILE A 188 35.01 -11.92 8.99
C ILE A 188 34.39 -10.74 8.24
N SER A 195 25.28 -5.93 12.65
CA SER A 195 23.83 -5.96 12.75
C SER A 195 23.22 -7.24 12.14
N GLN A 196 23.88 -7.85 11.15
CA GLN A 196 23.29 -8.95 10.36
C GLN A 196 22.95 -10.18 11.17
N LEU A 197 23.72 -10.46 12.22
CA LEU A 197 23.51 -11.71 12.95
C LEU A 197 22.37 -11.60 13.97
N VAL A 198 21.91 -10.39 14.29
CA VAL A 198 20.81 -10.24 15.21
C VAL A 198 19.52 -10.80 14.56
N ASP A 199 18.80 -11.65 15.29
CA ASP A 199 17.50 -12.08 14.86
C ASP A 199 16.45 -11.08 15.35
N ARG A 200 16.03 -10.21 14.45
CA ARG A 200 15.08 -9.15 14.78
C ARG A 200 13.64 -9.61 14.94
N THR A 201 13.35 -10.88 14.70
CA THR A 201 12.01 -11.39 15.03
C THR A 201 11.89 -11.76 16.51
N THR A 202 12.97 -12.20 17.15
CA THR A 202 12.87 -12.78 18.48
C THR A 202 13.86 -12.29 19.51
N GLN A 203 14.94 -11.66 19.07
CA GLN A 203 15.99 -11.30 19.96
C GLN A 203 16.36 -9.84 19.93
N ALA A 204 15.44 -8.99 19.46
CA ALA A 204 15.56 -7.53 19.55
C ALA A 204 14.30 -6.99 20.15
N LEU A 205 14.42 -6.02 21.02
CA LEU A 205 13.26 -5.40 21.60
C LEU A 205 13.04 -4.01 21.00
N TYR A 206 11.78 -3.65 20.80
CA TYR A 206 11.41 -2.38 20.23
C TYR A 206 10.30 -1.76 21.08
N SER A 207 10.26 -0.43 21.12
CA SER A 207 9.01 0.22 21.50
C SER A 207 7.94 -0.08 20.45
N PRO A 208 6.79 -0.65 20.88
CA PRO A 208 5.81 -1.07 19.88
C PRO A 208 4.95 0.08 19.33
N GLY A 209 5.00 1.24 20.02
CA GLY A 209 4.11 2.36 19.70
C GLY A 209 2.68 1.92 19.64
N SER A 210 1.92 2.51 18.73
CA SER A 210 0.49 2.29 18.74
C SER A 210 0.02 0.88 18.45
N SER A 211 0.88 -0.04 18.01
CA SER A 211 0.46 -1.41 17.83
C SER A 211 0.05 -2.03 19.17
N PHE A 212 0.63 -1.53 20.26
CA PHE A 212 0.31 -1.99 21.62
C PHE A 212 -1.09 -1.54 22.06
N LYS A 213 -1.68 -0.53 21.42
CA LYS A 213 -3.04 -0.13 21.80
C LYS A 213 -4.01 -1.29 21.62
N THR A 214 -3.65 -2.28 20.80
CA THR A 214 -4.45 -3.51 20.74
C THR A 214 -4.66 -4.16 22.14
N VAL A 215 -3.59 -4.19 22.92
CA VAL A 215 -3.62 -4.70 24.30
C VAL A 215 -4.45 -3.76 25.17
N THR A 216 -4.23 -2.47 25.05
CA THR A 216 -4.99 -1.52 25.87
C THR A 216 -6.50 -1.63 25.62
N LEU A 217 -6.87 -1.67 24.33
CA LEU A 217 -8.25 -1.79 23.93
C LEU A 217 -8.84 -3.09 24.48
N ALA A 218 -8.12 -4.20 24.24
CA ALA A 218 -8.57 -5.50 24.68
C ALA A 218 -8.85 -5.52 26.20
N ALA A 219 -7.93 -4.97 26.96
CA ALA A 219 -8.10 -4.89 28.35
C ALA A 219 -9.31 -4.02 28.73
N GLY A 220 -9.50 -2.90 28.06
CA GLY A 220 -10.57 -1.99 28.40
C GLY A 220 -11.93 -2.62 28.18
N ILE A 221 -12.02 -3.37 27.09
CA ILE A 221 -13.24 -4.05 26.81
C ILE A 221 -13.45 -5.24 27.72
N ASP A 222 -12.42 -6.02 27.97
CA ASP A 222 -12.52 -7.22 28.75
C ASP A 222 -12.88 -6.96 30.21
N THR A 223 -12.44 -5.84 30.74
CA THR A 223 -12.80 -5.44 32.09
C THR A 223 -14.17 -4.73 32.18
N HIS A 224 -14.85 -4.58 31.04
CA HIS A 224 -16.18 -3.90 30.98
C HIS A 224 -16.09 -2.48 31.50
N LYS A 225 -14.98 -1.82 31.16
CA LYS A 225 -14.77 -0.41 31.46
C LYS A 225 -15.10 0.49 30.29
N THR A 226 -15.28 -0.06 29.09
CA THR A 226 -15.57 0.78 27.92
C THR A 226 -16.14 -0.13 26.80
N THR A 227 -16.55 0.48 25.68
CA THR A 227 -17.09 -0.25 24.52
C THR A 227 -16.59 0.50 23.32
N LEU A 228 -16.66 -0.15 22.16
CA LEU A 228 -16.27 0.51 20.93
C LEU A 228 -17.08 1.77 20.58
N ASP A 229 -18.35 1.83 21.00
CA ASP A 229 -19.17 2.96 20.72
C ASP A 229 -19.12 4.02 21.80
N THR A 230 -18.41 3.77 22.88
CA THR A 230 -18.22 4.82 23.94
C THR A 230 -17.41 6.04 23.39
N THR A 231 -17.89 7.26 23.60
CA THR A 231 -17.18 8.44 23.06
C THR A 231 -16.13 8.93 24.02
N TYR A 232 -15.06 9.42 23.41
CA TYR A 232 -13.90 9.95 24.10
C TYR A 232 -13.59 11.30 23.47
N SER A 233 -13.16 12.23 24.30
CA SER A 233 -12.52 13.42 23.84
C SER A 233 -11.12 13.07 23.35
N ALA A 234 -10.78 13.55 22.14
CA ALA A 234 -9.53 13.20 21.52
C ALA A 234 -8.83 14.47 21.05
N PRO A 235 -8.44 15.34 22.00
CA PRO A 235 -7.83 16.62 21.69
C PRO A 235 -6.41 16.45 21.23
N GLY A 236 -5.87 17.53 20.66
CA GLY A 236 -4.52 17.50 20.13
C GLY A 236 -3.50 17.29 21.23
N THR A 237 -3.73 17.90 22.39
CA THR A 237 -2.89 17.68 23.54
C THR A 237 -3.77 17.63 24.76
N GLU A 239 -3.37 17.18 29.31
CA GLU A 239 -2.49 17.07 30.45
C GLU A 239 -2.93 15.79 31.16
N ILE A 240 -2.00 14.92 31.52
CA ILE A 240 -2.32 13.68 32.24
C ILE A 240 -1.18 13.37 33.18
N GLY A 241 -1.51 13.12 34.42
CA GLY A 241 -0.54 12.86 35.46
C GLY A 241 0.53 13.90 35.58
N GLY A 242 0.19 15.14 35.25
CA GLY A 242 1.14 16.23 35.38
C GLY A 242 2.09 16.45 34.21
N GLY A 243 1.96 15.68 33.15
CA GLY A 243 2.69 15.93 31.91
C GLY A 243 1.69 15.99 30.76
N THR A 244 2.20 15.91 29.55
CA THR A 244 1.40 16.13 28.37
C THR A 244 1.40 14.86 27.54
N ILE A 245 0.25 14.58 26.92
CA ILE A 245 0.11 13.57 25.88
C ILE A 245 -0.38 14.34 24.67
N HIS A 246 0.08 13.98 23.48
CA HIS A 246 -0.38 14.62 22.28
C HIS A 246 -0.74 13.55 21.23
N ASN A 247 -1.75 13.86 20.43
CA ASN A 247 -1.99 13.08 19.23
C ASN A 247 -0.90 13.41 18.23
N TYR A 248 -0.65 12.49 17.33
CA TYR A 248 0.15 12.74 16.16
C TYR A 248 -0.21 14.04 15.49
N ALA A 249 0.81 14.89 15.30
CA ALA A 249 0.63 16.19 14.68
C ALA A 249 -0.26 17.13 15.49
N ASN A 250 -0.37 16.89 16.79
CA ASN A 250 -1.35 17.61 17.65
C ASN A 250 -2.72 17.77 17.07
N GLU A 251 -3.16 16.76 16.34
CA GLU A 251 -4.45 16.80 15.72
C GLU A 251 -5.59 16.76 16.73
N ASP A 252 -6.48 17.74 16.66
CA ASP A 252 -7.65 17.76 17.56
C ASP A 252 -8.78 17.04 16.86
N GLY A 254 -11.75 16.14 18.29
CA GLY A 254 -13.05 16.35 18.89
C GLY A 254 -13.49 15.12 19.65
N THR A 255 -14.77 14.92 19.77
CA THR A 255 -15.31 13.83 20.56
C THR A 255 -15.69 12.73 19.59
N ILE A 256 -15.14 11.55 19.77
CA ILE A 256 -15.36 10.46 18.81
C ILE A 256 -15.50 9.11 19.50
N PRO A 257 -16.17 8.17 18.84
CA PRO A 257 -16.27 6.85 19.46
C PRO A 257 -14.91 6.16 19.50
N LEU A 258 -14.71 5.31 20.50
CA LEU A 258 -13.50 4.57 20.65
C LEU A 258 -13.12 3.79 19.38
N ARG A 259 -14.05 3.19 18.66
CA ARG A 259 -13.66 2.47 17.47
C ARG A 259 -12.94 3.38 16.45
N GLU A 260 -13.36 4.65 16.41
CA GLU A 260 -12.77 5.66 15.52
C GLU A 260 -11.45 6.18 16.10
N ALA A 261 -11.38 6.40 17.41
CA ALA A 261 -10.11 6.75 18.05
C ALA A 261 -9.06 5.67 17.82
N PHE A 262 -9.47 4.41 17.85
CA PHE A 262 -8.55 3.31 17.63
C PHE A 262 -8.15 3.28 16.13
N ALA A 263 -9.13 3.41 15.24
CA ALA A 263 -8.85 3.38 13.79
C ALA A 263 -7.89 4.52 13.38
N ARG A 264 -8.06 5.69 13.96
CA ARG A 264 -7.22 6.81 13.67
C ARG A 264 -6.01 6.94 14.60
N SER A 265 -5.89 6.05 15.57
CA SER A 265 -4.75 5.97 16.48
C SER A 265 -4.53 7.22 17.34
N SER A 266 -5.57 7.75 17.94
CA SER A 266 -5.44 8.83 18.88
C SER A 266 -4.73 8.42 20.15
N ASN A 267 -3.64 9.10 20.46
CA ASN A 267 -2.98 8.90 21.73
C ASN A 267 -3.78 9.46 22.89
N THR A 268 -4.36 10.63 22.72
CA THR A 268 -5.07 11.27 23.86
C THR A 268 -6.27 10.44 24.28
N ALA A 269 -6.96 9.81 23.32
CA ALA A 269 -8.09 8.94 23.68
C ALA A 269 -7.62 7.64 24.35
N LEU A 270 -6.70 6.93 23.69
CA LEU A 270 -6.22 5.69 24.26
C LEU A 270 -5.49 5.87 25.58
N ALA A 271 -4.81 7.00 25.78
CA ALA A 271 -4.19 7.21 27.08
C ALA A 271 -5.25 7.30 28.20
N GLN A 272 -6.39 7.87 27.91
CA GLN A 272 -7.45 8.00 28.93
C GLN A 272 -7.97 6.62 29.34
N LEU A 273 -8.07 5.69 28.37
CA LEU A 273 -8.43 4.33 28.67
C LEU A 273 -7.36 3.62 29.52
N GLY A 274 -6.08 3.79 29.17
CA GLY A 274 -5.00 3.25 29.97
C GLY A 274 -5.05 3.74 31.40
N VAL A 275 -5.29 5.03 31.60
CA VAL A 275 -5.40 5.56 32.98
C VAL A 275 -6.63 5.05 33.70
N ALA A 276 -7.74 4.85 32.96
CA ALA A 276 -8.93 4.25 33.60
C ALA A 276 -8.68 2.81 34.02
N LEU A 277 -7.93 2.08 33.19
CA LEU A 277 -7.59 0.70 33.50
C LEU A 277 -6.71 0.60 34.73
N GLY A 278 -5.69 1.44 34.80
CA GLY A 278 -4.70 1.36 35.87
C GLY A 278 -3.55 0.43 35.49
N ALA A 279 -2.45 0.62 36.20
CA ALA A 279 -1.25 -0.10 35.93
C ALA A 279 -1.37 -1.61 36.16
N ASP A 280 -2.05 -2.00 37.23
CA ASP A 280 -2.17 -3.43 37.55
C ASP A 280 -2.87 -4.16 36.41
N ASN A 281 -3.99 -3.59 35.94
CA ASN A 281 -4.73 -4.17 34.83
C ASN A 281 -3.91 -4.20 33.55
N LEU A 282 -3.31 -3.09 33.18
CA LEU A 282 -2.56 -3.03 31.94
C LEU A 282 -1.43 -4.06 31.93
N VAL A 283 -0.70 -4.14 33.03
CA VAL A 283 0.40 -5.11 33.12
C VAL A 283 -0.13 -6.53 33.09
N SER A 284 -1.17 -6.79 33.87
CA SER A 284 -1.71 -8.12 33.93
C SER A 284 -2.20 -8.61 32.57
N TYR A 285 -2.90 -7.75 31.81
CA TYR A 285 -3.32 -8.13 30.46
C TYR A 285 -2.13 -8.30 29.52
N ALA A 286 -1.17 -7.39 29.57
CA ALA A 286 0.03 -7.62 28.75
C ALA A 286 0.67 -8.99 29.07
N ARG A 287 0.81 -9.33 30.36
CA ARG A 287 1.34 -10.61 30.75
C ARG A 287 0.48 -11.79 30.26
N ALA A 288 -0.84 -11.62 30.27
CA ALA A 288 -1.72 -12.66 29.80
C ALA A 288 -1.54 -12.93 28.30
N PHE A 289 -1.19 -11.90 27.51
CA PHE A 289 -0.83 -12.07 26.09
C PHE A 289 0.56 -12.58 25.83
N GLY A 290 1.37 -12.72 26.87
CA GLY A 290 2.71 -13.27 26.72
C GLY A 290 3.86 -12.43 27.27
N TYR A 291 3.61 -11.18 27.64
CA TYR A 291 4.73 -10.38 28.19
C TYR A 291 5.33 -11.08 29.40
N GLY A 292 6.63 -11.07 29.49
CA GLY A 292 7.33 -11.76 30.61
C GLY A 292 7.65 -13.21 30.32
N THR A 293 7.13 -13.77 29.22
CA THR A 293 7.37 -15.14 28.81
C THR A 293 8.37 -15.21 27.67
N ALA A 294 9.34 -16.14 27.77
CA ALA A 294 10.24 -16.40 26.69
C ALA A 294 9.52 -17.31 25.69
N LEU A 295 8.72 -16.67 24.83
CA LEU A 295 7.89 -17.38 23.84
C LEU A 295 8.67 -18.35 23.01
N GLY A 296 8.03 -19.45 22.62
CA GLY A 296 8.61 -20.40 21.67
C GLY A 296 8.74 -21.76 22.37
N GLN A 297 8.07 -22.76 21.82
CA GLN A 297 8.25 -24.10 22.37
C GLN A 297 9.62 -24.65 22.08
N ASP A 298 10.22 -24.26 20.96
CA ASP A 298 11.38 -24.90 20.40
C ASP A 298 12.31 -23.90 19.73
N PHE A 299 12.19 -22.66 20.14
CA PHE A 299 13.16 -21.63 19.73
C PHE A 299 13.17 -20.57 20.85
N SER A 300 14.22 -19.76 20.89
CA SER A 300 14.39 -18.74 21.97
C SER A 300 13.81 -17.42 21.55
N THR A 301 12.98 -16.79 22.39
CA THR A 301 12.51 -15.43 22.21
C THR A 301 12.85 -14.68 23.49
N THR A 302 13.35 -13.48 23.38
CA THR A 302 13.62 -12.69 24.60
C THR A 302 12.27 -12.15 25.08
N PRO A 303 11.97 -12.30 26.36
CA PRO A 303 10.64 -11.81 26.82
C PRO A 303 10.40 -10.32 26.58
N SER A 304 9.15 -10.00 26.26
CA SER A 304 8.69 -8.61 26.15
C SER A 304 8.47 -8.11 27.56
N LEU A 305 8.74 -6.82 27.78
CA LEU A 305 8.86 -6.28 29.13
C LEU A 305 7.81 -5.24 29.47
N PRO A 307 6.80 -2.69 33.13
CA PRO A 307 7.29 -2.38 34.49
C PRO A 307 6.61 -3.20 35.57
N ASN A 308 7.13 -3.07 36.77
CA ASN A 308 6.41 -3.43 37.96
C ASN A 308 5.31 -2.37 38.11
N PRO A 309 4.03 -2.79 38.13
CA PRO A 309 2.98 -1.81 38.13
C PRO A 309 3.01 -0.92 39.34
N ALA A 310 3.58 -1.41 40.45
CA ALA A 310 3.66 -0.58 41.64
C ALA A 310 4.63 0.57 41.50
N GLU A 311 5.52 0.51 40.52
CA GLU A 311 6.51 1.56 40.32
C GLU A 311 6.07 2.61 39.30
N THR A 313 4.10 5.61 37.21
CA THR A 313 3.37 6.84 37.49
C THR A 313 2.22 6.95 36.52
N THR A 314 1.32 7.86 36.83
CA THR A 314 0.19 8.10 35.95
C THR A 314 0.59 8.56 34.56
N TRP A 315 1.53 9.48 34.48
CA TRP A 315 2.05 9.92 33.17
C TRP A 315 2.70 8.76 32.38
N GLU A 316 3.49 7.96 33.07
CA GLU A 316 4.11 6.79 32.48
C GLU A 316 3.07 5.84 31.94
N LEU A 317 2.03 5.65 32.74
CA LEU A 317 0.94 4.75 32.39
C LEU A 317 0.24 5.20 31.13
N ALA A 318 -0.03 6.50 31.09
CA ALA A 318 -0.66 7.10 29.91
C ALA A 318 0.14 6.76 28.65
N TRP A 319 1.46 6.97 28.69
CA TRP A 319 2.29 6.69 27.53
C TRP A 319 2.40 5.20 27.22
N ALA A 320 2.48 4.37 28.26
CA ALA A 320 2.64 2.93 28.11
C ALA A 320 1.44 2.39 27.38
N SER A 321 0.28 2.93 27.72
CA SER A 321 -0.94 2.48 27.11
C SER A 321 -1.01 2.83 25.61
N CYS A 322 -0.18 3.79 25.15
CA CYS A 322 -0.03 4.07 23.71
C CYS A 322 1.20 3.37 23.08
N GLY A 323 1.91 2.54 23.86
CA GLY A 323 3.04 1.77 23.34
C GLY A 323 4.40 2.41 23.45
N LEU A 324 4.52 3.46 24.27
CA LEU A 324 5.77 4.14 24.48
C LEU A 324 6.31 3.96 25.90
N PRO A 325 7.50 3.37 26.01
CA PRO A 325 8.07 3.19 27.32
C PRO A 325 8.81 4.41 27.79
N VAL A 326 8.28 5.14 28.77
CA VAL A 326 8.99 6.33 29.31
C VAL A 326 9.33 6.26 30.80
N GLY A 327 9.18 5.10 31.44
CA GLY A 327 9.32 5.02 32.91
C GLY A 327 10.77 5.13 33.41
N GLU A 328 10.93 5.59 34.64
CA GLU A 328 12.24 5.66 35.30
C GLU A 328 12.11 5.12 36.71
N HIS A 329 12.61 3.90 36.89
CA HIS A 329 12.39 3.18 38.16
C HIS A 329 13.26 1.94 38.07
N ALA A 330 13.30 1.13 39.11
CA ALA A 330 14.18 -0.05 39.14
C ALA A 330 13.80 -1.10 38.10
N SER A 331 12.51 -1.31 37.90
CA SER A 331 12.03 -2.26 36.89
C SER A 331 12.16 -1.65 35.51
N PRO A 332 12.18 -2.49 34.47
CA PRO A 332 12.30 -1.97 33.14
C PRO A 332 11.15 -0.99 32.77
N ALA A 333 11.45 -0.06 31.90
CA ALA A 333 10.40 0.68 31.19
C ALA A 333 9.68 -0.25 30.21
N GLY A 334 8.42 0.01 29.97
CA GLY A 334 7.69 -0.78 28.99
C GLY A 334 6.46 -0.05 28.48
N PRO A 335 5.84 -0.58 27.43
CA PRO A 335 6.20 -1.84 26.82
C PRO A 335 7.44 -1.83 25.93
N GLN A 336 8.19 -2.93 25.96
CA GLN A 336 9.20 -3.25 24.96
C GLN A 336 8.87 -4.64 24.45
N THR A 337 8.82 -4.78 23.15
CA THR A 337 8.23 -5.95 22.52
C THR A 337 9.18 -6.53 21.52
N THR A 338 9.01 -7.82 21.28
CA THR A 338 9.54 -8.44 20.07
C THR A 338 8.49 -8.47 18.99
N VAL A 339 8.93 -8.64 17.78
CA VAL A 339 8.00 -8.84 16.70
C VAL A 339 7.20 -10.15 16.89
N GLN A 341 6.29 -11.46 19.78
CA GLN A 341 5.25 -11.18 20.74
C GLN A 341 4.04 -10.46 20.08
N ASN A 342 4.33 -9.53 19.15
CA ASN A 342 3.30 -8.82 18.47
C ASN A 342 2.46 -9.79 17.62
N ALA A 343 3.09 -10.78 16.99
CA ALA A 343 2.33 -11.79 16.25
C ALA A 343 1.46 -12.60 17.19
N VAL A 344 1.95 -12.89 18.39
CA VAL A 344 1.20 -13.72 19.35
C VAL A 344 -0.05 -12.97 19.83
N ILE A 345 0.06 -11.65 19.92
CA ILE A 345 -1.09 -10.83 20.29
C ILE A 345 -2.15 -10.86 19.17
N ALA A 346 -1.71 -10.63 17.95
CA ALA A 346 -2.65 -10.65 16.83
C ALA A 346 -3.32 -12.04 16.73
N ALA A 347 -2.53 -13.10 16.90
CA ALA A 347 -3.07 -14.50 16.87
C ALA A 347 -4.11 -14.78 17.94
N ALA A 348 -3.84 -14.31 19.16
CA ALA A 348 -4.80 -14.45 20.24
C ALA A 348 -6.14 -13.76 19.92
N ILE A 349 -6.06 -12.58 19.36
CA ILE A 349 -7.26 -11.84 18.96
C ILE A 349 -7.96 -12.56 17.83
N ALA A 350 -7.20 -13.04 16.86
CA ALA A 350 -7.81 -13.80 15.78
C ALA A 350 -8.42 -15.10 16.21
N ASN A 351 -7.91 -15.71 17.29
CA ASN A 351 -8.24 -17.08 17.80
C ASN A 351 -9.18 -17.02 19.01
N GLY A 352 -10.05 -16.03 19.06
CA GLY A 352 -11.03 -16.00 20.12
C GLY A 352 -10.46 -15.79 21.50
N GLY A 353 -9.26 -15.21 21.56
CA GLY A 353 -8.68 -14.81 22.85
C GLY A 353 -7.69 -15.81 23.45
N VAL A 354 -7.45 -16.91 22.75
CA VAL A 354 -6.63 -18.01 23.25
C VAL A 354 -5.20 -17.83 22.72
N VAL A 355 -4.24 -17.67 23.64
CA VAL A 355 -2.87 -17.40 23.31
C VAL A 355 -2.18 -18.71 23.08
N ASN A 357 1.45 -20.85 22.40
CA ASN A 357 2.92 -20.73 22.51
C ASN A 357 3.47 -21.11 21.16
N PRO A 358 4.13 -20.15 20.45
CA PRO A 358 4.45 -20.49 19.05
C PRO A 358 5.54 -21.52 18.93
N TYR A 359 5.62 -22.17 17.77
CA TYR A 359 6.60 -23.20 17.59
C TYR A 359 7.02 -23.22 16.19
N ILE A 360 8.21 -23.75 15.94
CA ILE A 360 8.76 -23.79 14.61
C ILE A 360 9.16 -25.18 14.11
N VAL A 361 9.17 -26.18 14.98
CA VAL A 361 9.42 -27.58 14.57
C VAL A 361 8.09 -28.32 14.40
N ASP A 362 7.82 -28.85 13.23
CA ASP A 362 6.58 -29.64 13.06
C ASP A 362 6.79 -31.01 13.65
N ARG A 363 7.88 -31.66 13.23
CA ARG A 363 8.16 -33.03 13.61
C ARG A 363 9.62 -33.37 13.44
N VAL A 364 9.99 -34.47 14.09
CA VAL A 364 11.35 -35.01 14.07
C VAL A 364 11.30 -36.33 13.37
N LEU A 365 12.30 -36.56 12.55
CA LEU A 365 12.40 -37.76 11.71
C LEU A 365 13.66 -38.53 12.06
N SER A 366 13.55 -39.87 12.07
CA SER A 366 14.69 -40.72 12.35
C SER A 366 15.50 -40.81 11.10
N PRO A 367 16.76 -41.25 11.21
CA PRO A 367 17.56 -41.37 10.00
C PRO A 367 16.89 -42.12 8.84
N GLU A 368 15.96 -43.03 9.14
CA GLU A 368 15.25 -43.74 8.05
C GLU A 368 14.00 -43.01 7.56
N GLY A 369 13.71 -41.83 8.10
CA GLY A 369 12.55 -41.07 7.68
C GLY A 369 11.28 -41.39 8.43
N ALA A 370 11.35 -42.23 9.45
CA ALA A 370 10.18 -42.47 10.28
C ALA A 370 9.89 -41.22 11.16
N VAL A 371 8.62 -40.97 11.44
CA VAL A 371 8.29 -39.86 12.35
C VAL A 371 8.54 -40.33 13.78
N VAL A 372 9.43 -39.65 14.46
CA VAL A 372 9.86 -39.93 15.82
C VAL A 372 9.02 -39.16 16.81
N SER A 373 8.67 -37.91 16.47
CA SER A 373 7.78 -37.16 17.32
C SER A 373 7.15 -36.00 16.56
N THR A 374 6.04 -35.50 17.07
CA THR A 374 5.32 -34.43 16.42
C THR A 374 5.04 -33.39 17.51
N THR A 375 5.19 -32.13 17.16
CA THR A 375 4.97 -31.06 18.11
C THR A 375 3.46 -30.95 18.36
N SER A 376 3.04 -30.69 19.58
CA SER A 376 1.65 -30.41 19.82
C SER A 376 1.47 -28.93 20.14
N PRO A 377 0.48 -28.29 19.49
CA PRO A 377 0.17 -26.91 19.85
C PRO A 377 -0.17 -26.82 21.32
N LYS A 378 0.22 -25.75 21.98
CA LYS A 378 -0.02 -25.56 23.40
C LYS A 378 -0.45 -24.15 23.70
N SER A 379 -1.47 -23.99 24.53
CA SER A 379 -1.98 -22.68 24.92
C SER A 379 -1.26 -22.15 26.14
N LEU A 380 -1.07 -20.86 26.17
CA LEU A 380 -0.54 -20.14 27.34
C LEU A 380 -1.72 -19.53 28.11
N GLY A 381 -2.94 -19.87 27.73
CA GLY A 381 -4.13 -19.43 28.45
C GLY A 381 -5.05 -18.54 27.61
N GLN A 382 -6.13 -18.07 28.20
CA GLN A 382 -7.09 -17.27 27.53
C GLN A 382 -6.89 -15.87 28.05
N ALA A 383 -6.35 -15.00 27.20
CA ALA A 383 -6.01 -13.65 27.67
C ALA A 383 -7.24 -12.74 27.85
N VAL A 384 -8.21 -12.89 26.95
CA VAL A 384 -9.47 -12.14 26.99
C VAL A 384 -10.58 -13.09 26.56
N SER A 385 -11.82 -12.71 26.84
CA SER A 385 -12.93 -13.53 26.46
C SER A 385 -13.12 -13.58 24.95
N ALA A 386 -13.90 -14.54 24.50
CA ALA A 386 -14.25 -14.59 23.08
C ALA A 386 -15.02 -13.34 22.62
N ASP A 387 -15.90 -12.83 23.48
CA ASP A 387 -16.64 -11.65 23.12
C ASP A 387 -15.70 -10.46 22.96
N THR A 388 -14.72 -10.34 23.85
CA THR A 388 -13.75 -9.25 23.73
C THR A 388 -12.92 -9.38 22.46
N ALA A 389 -12.46 -10.59 22.17
CA ALA A 389 -11.66 -10.80 20.97
C ALA A 389 -12.42 -10.41 19.74
N ALA A 390 -13.71 -10.75 19.65
CA ALA A 390 -14.52 -10.35 18.47
C ALA A 390 -14.61 -8.83 18.32
N GLN A 391 -14.73 -8.10 19.42
CA GLN A 391 -14.83 -6.64 19.38
C GLN A 391 -13.49 -6.06 18.92
N VAL A 392 -12.39 -6.65 19.44
CA VAL A 392 -11.06 -6.16 19.02
C VAL A 392 -10.81 -6.45 17.56
N ARG A 393 -11.25 -7.62 17.07
CA ARG A 393 -11.14 -7.90 15.64
C ARG A 393 -11.88 -6.86 14.82
N GLU A 394 -13.09 -6.52 15.26
CA GLU A 394 -13.91 -5.54 14.52
C GLU A 394 -13.20 -4.18 14.47
N ALA A 395 -12.59 -3.81 15.59
CA ALA A 395 -11.85 -2.53 15.70
C ALA A 395 -10.68 -2.54 14.77
N LEU A 397 -10.50 -4.31 12.03
CA LEU A 397 -10.99 -4.19 10.65
C LEU A 397 -11.13 -2.71 10.27
N GLY A 398 -11.60 -1.89 11.22
CA GLY A 398 -11.77 -0.46 11.01
C GLY A 398 -10.44 0.25 10.74
N VAL A 399 -9.39 -0.19 11.40
CA VAL A 399 -8.08 0.39 11.18
C VAL A 399 -7.72 0.28 9.67
N VAL A 400 -7.95 -0.89 9.07
CA VAL A 400 -7.51 -1.14 7.70
C VAL A 400 -8.53 -0.60 6.73
N GLU A 401 -9.82 -0.70 7.07
CA GLU A 401 -10.85 -0.18 6.12
C GLU A 401 -10.90 1.33 6.03
N SER A 402 -10.75 2.01 7.15
N SER A 402 -10.73 2.00 7.15
CA SER A 402 -11.03 3.42 7.18
CA SER A 402 -11.05 3.40 7.24
C SER A 402 -10.12 4.20 8.10
C SER A 402 -9.97 4.26 7.86
N GLY A 403 -8.97 3.67 8.49
CA GLY A 403 -8.08 4.43 9.37
C GLY A 403 -6.63 4.38 8.92
N THR A 404 -5.70 4.34 9.88
CA THR A 404 -4.30 4.46 9.59
C THR A 404 -3.72 3.25 8.86
N GLY A 405 -4.48 2.16 8.71
CA GLY A 405 -3.98 0.93 8.09
C GLY A 405 -4.44 0.67 6.67
N GLY A 407 -3.16 1.30 3.94
CA GLY A 407 -2.07 0.76 3.18
C GLY A 407 -1.98 -0.75 3.14
N ALA A 408 -2.60 -1.42 4.11
CA ALA A 408 -2.70 -2.88 4.10
C ALA A 408 -3.87 -3.45 3.29
N ARG A 409 -4.73 -2.61 2.73
CA ARG A 409 -5.88 -3.10 1.99
C ARG A 409 -5.45 -3.94 0.81
N VAL A 410 -6.15 -5.02 0.58
CA VAL A 410 -5.90 -5.84 -0.60
C VAL A 410 -7.28 -6.08 -1.25
N PRO A 411 -7.45 -5.65 -2.50
CA PRO A 411 -8.76 -5.85 -3.14
C PRO A 411 -9.28 -7.29 -2.97
N GLY A 412 -10.50 -7.46 -2.47
CA GLY A 412 -11.20 -8.75 -2.51
C GLY A 412 -10.94 -9.65 -1.33
N VAL A 413 -10.17 -9.17 -0.35
CA VAL A 413 -10.00 -9.89 0.89
C VAL A 413 -10.09 -8.87 2.05
N LYS A 414 -10.79 -9.25 3.10
CA LYS A 414 -10.87 -8.40 4.27
C LYS A 414 -9.65 -8.66 5.18
N ILE A 415 -8.89 -7.61 5.41
CA ILE A 415 -7.69 -7.65 6.20
C ILE A 415 -7.96 -6.73 7.39
N ALA A 416 -7.54 -7.18 8.56
CA ALA A 416 -7.64 -6.40 9.78
C ALA A 416 -6.30 -6.28 10.43
N GLY A 417 -6.08 -5.19 11.14
CA GLY A 417 -4.78 -4.99 11.76
C GLY A 417 -4.69 -3.78 12.64
N LYS A 418 -3.49 -3.55 13.16
CA LYS A 418 -3.17 -2.33 13.85
C LYS A 418 -1.77 -1.89 13.48
N THR A 419 -1.61 -0.57 13.30
CA THR A 419 -0.36 0.04 12.94
C THR A 419 0.30 0.64 14.14
N GLY A 420 1.59 0.91 14.03
CA GLY A 420 2.21 1.81 14.98
C GLY A 420 3.47 2.41 14.40
N THR A 421 3.90 3.49 15.04
CA THR A 421 5.12 4.17 14.65
C THR A 421 5.79 4.52 15.94
N ALA A 422 7.07 4.26 16.08
CA ALA A 422 7.72 4.67 17.34
C ALA A 422 8.97 5.39 17.05
N ASP A 423 9.17 6.47 17.80
CA ASP A 423 10.40 7.25 17.73
C ASP A 423 11.41 6.60 18.67
N VAL A 424 12.66 6.56 18.21
CA VAL A 424 13.77 5.95 18.94
C VAL A 424 14.96 6.94 18.99
N GLU A 425 16.17 6.44 19.24
CA GLU A 425 17.39 7.27 19.22
C GLU A 425 17.56 8.10 17.94
N ASN A 426 18.30 9.20 18.08
CA ASN A 426 18.70 10.07 16.95
C ASN A 426 17.58 10.46 16.00
N GLY A 427 16.39 10.68 16.55
CA GLY A 427 15.22 11.01 15.75
C GLY A 427 14.95 10.00 14.64
N ASN A 428 15.25 8.73 14.89
CA ASN A 428 14.86 7.68 13.95
C ASN A 428 13.48 7.22 14.37
N PHE A 429 12.81 6.50 13.47
CA PHE A 429 11.56 5.88 13.85
C PHE A 429 11.27 4.61 13.06
N ASN A 430 10.50 3.74 13.69
CA ASN A 430 10.22 2.42 13.17
C ASN A 430 8.73 2.33 12.88
N SER A 431 8.35 1.47 11.94
CA SER A 431 6.97 1.27 11.52
C SER A 431 6.55 -0.13 11.84
N PHE A 432 5.40 -0.28 12.52
CA PHE A 432 4.91 -1.58 12.90
C PHE A 432 3.58 -1.88 12.28
N PHE A 433 3.33 -3.17 12.13
CA PHE A 433 1.98 -3.64 11.78
C PHE A 433 1.79 -5.08 12.26
N ILE A 434 0.64 -5.30 12.88
CA ILE A 434 0.12 -6.64 13.17
C ILE A 434 -1.23 -6.79 12.53
N GLY A 435 -1.51 -7.96 12.00
CA GLY A 435 -2.83 -8.15 11.43
C GLY A 435 -3.11 -9.58 11.08
N PHE A 436 -4.31 -9.83 10.59
CA PHE A 436 -4.71 -11.16 10.24
C PHE A 436 -5.64 -11.16 9.06
N ALA A 437 -5.82 -12.33 8.50
CA ALA A 437 -6.71 -12.49 7.33
C ALA A 437 -7.04 -13.95 7.07
N PRO A 438 -8.17 -14.23 6.40
CA PRO A 438 -9.28 -13.24 6.16
C PRO A 438 -9.99 -12.91 7.43
N TYR A 439 -10.63 -11.74 7.48
CA TYR A 439 -11.34 -11.30 8.70
C TYR A 439 -12.28 -12.35 9.32
N ASP A 440 -13.14 -12.93 8.50
CA ASP A 440 -14.03 -14.00 8.96
C ASP A 440 -13.19 -15.25 8.83
N HIS A 441 -13.03 -16.01 9.88
CA HIS A 441 -12.20 -17.22 9.83
C HIS A 441 -10.72 -16.98 9.44
N PRO A 442 -10.00 -16.33 10.32
CA PRO A 442 -8.60 -16.01 9.98
C PRO A 442 -7.77 -17.26 9.83
N THR A 443 -6.91 -17.32 8.82
CA THR A 443 -5.95 -18.43 8.68
C THR A 443 -4.47 -17.97 8.68
N LEU A 444 -4.23 -16.68 8.76
CA LEU A 444 -2.86 -16.17 8.84
C LEU A 444 -2.82 -14.92 9.69
N VAL A 445 -1.71 -14.74 10.39
CA VAL A 445 -1.37 -13.57 11.16
C VAL A 445 0.00 -13.09 10.65
N VAL A 446 0.20 -11.77 10.58
CA VAL A 446 1.48 -11.18 10.26
C VAL A 446 1.84 -10.17 11.35
N SER A 447 3.14 -10.03 11.56
CA SER A 447 3.71 -9.01 12.43
C SER A 447 4.98 -8.54 11.71
N VAL A 448 5.10 -7.23 11.62
CA VAL A 448 6.16 -6.54 10.89
C VAL A 448 6.76 -5.42 11.71
N VAL A 449 8.07 -5.23 11.59
CA VAL A 449 8.69 -3.97 11.87
C VAL A 449 9.59 -3.62 10.70
N ILE A 450 9.49 -2.36 10.25
CA ILE A 450 10.40 -1.80 9.25
C ILE A 450 11.10 -0.69 9.99
N GLU A 451 12.43 -0.76 10.07
CA GLU A 451 13.17 0.20 10.85
C GLU A 451 13.53 1.38 9.95
N GLY A 452 13.43 2.59 10.51
CA GLY A 452 13.80 3.78 9.77
C GLY A 452 15.30 3.95 9.54
N ASN A 453 16.06 3.87 10.64
CA ASN A 453 17.46 4.39 10.70
C ASN A 453 17.83 5.58 9.83
N GLY A 454 17.09 6.68 10.00
CA GLY A 454 17.37 7.91 9.24
C GLY A 454 16.73 7.93 7.86
N GLU A 455 15.78 7.05 7.62
CA GLU A 455 14.83 7.18 6.52
C GLU A 455 13.45 7.27 7.20
N ASN A 456 12.54 8.01 6.59
CA ASN A 456 11.16 7.98 7.02
C ASN A 456 10.49 6.77 6.40
N VAL A 457 9.88 5.93 7.24
CA VAL A 457 9.21 4.70 6.82
C VAL A 457 7.76 4.69 7.28
N LEU A 458 7.19 5.88 7.44
CA LEU A 458 5.81 5.98 7.91
C LEU A 458 4.84 5.16 7.06
N GLY A 459 4.11 4.26 7.73
CA GLY A 459 3.14 3.45 7.04
C GLY A 459 3.68 2.26 6.29
N TYR A 460 5.00 2.07 6.29
CA TYR A 460 5.57 0.95 5.53
C TYR A 460 5.19 -0.41 6.12
N GLY A 461 5.09 -0.49 7.46
CA GLY A 461 4.73 -1.76 8.07
C GLY A 461 3.41 -2.30 7.54
N ALA A 462 2.40 -1.42 7.47
CA ALA A 462 1.11 -1.79 6.95
C ALA A 462 1.15 -2.24 5.47
N GLN A 463 1.88 -1.53 4.62
CA GLN A 463 1.97 -1.92 3.23
C GLN A 463 2.64 -3.28 3.07
N VAL A 464 3.72 -3.50 3.82
CA VAL A 464 4.42 -4.76 3.79
C VAL A 464 3.51 -5.87 4.34
N GLY A 465 2.85 -5.56 5.43
CA GLY A 465 1.93 -6.50 6.04
C GLY A 465 0.81 -6.99 5.13
N GLY A 466 0.10 -6.08 4.48
CA GLY A 466 -0.92 -6.45 3.55
C GLY A 466 -0.40 -7.27 2.41
N ARG A 467 0.74 -6.86 1.88
CA ARG A 467 1.33 -7.52 0.74
C ARG A 467 1.67 -8.98 1.13
N VAL A 468 2.28 -9.16 2.29
CA VAL A 468 2.67 -10.52 2.74
C VAL A 468 1.42 -11.40 3.01
N LEU A 469 0.41 -10.82 3.68
CA LEU A 469 -0.84 -11.57 3.89
C LEU A 469 -1.45 -12.01 2.55
N ALA A 470 -1.57 -11.10 1.59
CA ALA A 470 -2.16 -11.44 0.32
C ALA A 470 -1.40 -12.56 -0.40
N GLN A 471 -0.08 -12.48 -0.41
CA GLN A 471 0.72 -13.48 -1.14
C GLN A 471 0.70 -14.82 -0.40
N CYS A 472 0.74 -14.74 0.92
CA CYS A 472 0.62 -15.95 1.72
C CYS A 472 -0.76 -16.62 1.60
N LEU A 473 -1.83 -15.83 1.49
CA LEU A 473 -3.18 -16.40 1.25
C LEU A 473 -3.25 -17.16 -0.09
N ASN A 474 -2.63 -16.59 -1.10
CA ASN A 474 -2.55 -17.24 -2.39
C ASN A 474 -1.78 -18.56 -2.35
N ILE A 475 -0.68 -18.57 -1.60
CA ILE A 475 0.07 -19.80 -1.44
C ILE A 475 -0.80 -20.85 -0.76
N GLN A 476 -1.46 -20.46 0.34
CA GLN A 476 -2.40 -21.34 1.06
C GLN A 476 -3.44 -21.87 0.10
N ALA A 477 -3.96 -21.02 -0.76
CA ALA A 477 -4.97 -21.47 -1.70
C ALA A 477 -4.44 -22.56 -2.65
N LEU A 478 -3.15 -22.58 -2.93
CA LEU A 478 -2.55 -23.67 -3.70
C LEU A 478 -2.07 -24.79 -2.79
N SER B 51 -33.22 -4.76 -37.40
CA SER B 51 -32.23 -3.93 -36.61
C SER B 51 -31.95 -4.56 -35.23
N ALA B 52 -33.03 -4.78 -34.48
CA ALA B 52 -33.04 -5.71 -33.35
C ALA B 52 -32.68 -7.15 -33.79
N TYR B 53 -32.79 -7.45 -35.08
CA TYR B 53 -32.51 -8.79 -35.60
C TYR B 53 -31.05 -8.99 -35.95
N VAL B 54 -30.27 -7.91 -35.85
CA VAL B 54 -28.87 -7.94 -36.22
C VAL B 54 -28.10 -7.94 -34.92
N GLN B 55 -27.27 -8.95 -34.74
CA GLN B 55 -26.53 -9.12 -33.50
C GLN B 55 -25.41 -8.06 -33.29
N ARG B 56 -25.44 -7.37 -32.17
CA ARG B 56 -24.41 -6.39 -31.83
C ARG B 56 -23.16 -7.18 -31.43
N GLY B 57 -21.97 -6.67 -31.77
CA GLY B 57 -20.71 -7.30 -31.33
C GLY B 57 -20.44 -7.20 -29.83
N ALA B 58 -19.48 -8.00 -29.33
CA ALA B 58 -19.12 -8.01 -27.91
C ALA B 58 -18.11 -6.89 -27.58
N ILE B 59 -18.10 -6.49 -26.30
CA ILE B 59 -17.05 -5.62 -25.75
C ILE B 59 -16.27 -6.42 -24.73
N ILE B 60 -14.95 -6.54 -24.96
CA ILE B 60 -14.11 -7.45 -24.22
C ILE B 60 -12.84 -6.74 -23.72
N THR B 61 -12.40 -7.04 -22.51
CA THR B 61 -11.12 -6.50 -22.00
C THR B 61 -9.93 -7.16 -22.69
N SER B 62 -8.77 -6.56 -22.55
CA SER B 62 -7.53 -7.06 -23.20
C SER B 62 -7.13 -8.44 -22.71
N ASP B 63 -7.53 -8.76 -21.48
CA ASP B 63 -7.22 -10.06 -20.89
C ASP B 63 -8.39 -11.03 -21.02
N GLY B 64 -9.36 -10.69 -21.85
CA GLY B 64 -10.35 -11.67 -22.29
C GLY B 64 -11.63 -11.72 -21.50
N VAL B 65 -11.98 -10.67 -20.75
CA VAL B 65 -13.25 -10.67 -20.02
C VAL B 65 -14.33 -9.96 -20.83
N THR B 66 -15.44 -10.64 -21.12
CA THR B 66 -16.51 -10.03 -21.87
C THR B 66 -17.32 -9.18 -20.93
N LEU B 67 -17.50 -7.91 -21.29
CA LEU B 67 -18.30 -6.98 -20.50
C LEU B 67 -19.62 -6.61 -21.16
N ALA B 68 -19.79 -6.93 -22.42
CA ALA B 68 -21.05 -6.69 -23.11
C ALA B 68 -21.18 -7.66 -24.26
N GLU B 69 -22.41 -8.10 -24.47
CA GLU B 69 -22.73 -9.26 -25.28
C GLU B 69 -24.13 -9.07 -25.82
N SER B 70 -24.47 -9.69 -26.94
CA SER B 70 -25.86 -9.72 -27.38
C SER B 70 -26.30 -11.16 -27.47
N VAL B 71 -27.49 -11.44 -26.92
CA VAL B 71 -28.03 -12.79 -26.93
C VAL B 71 -29.38 -12.92 -27.64
N LYS B 72 -29.43 -13.89 -28.54
CA LYS B 72 -30.61 -14.13 -29.36
C LYS B 72 -31.80 -14.60 -28.53
N GLN B 73 -32.97 -14.01 -28.79
CA GLN B 73 -34.23 -14.46 -28.21
C GLN B 73 -34.87 -15.50 -29.14
N ASP B 74 -35.99 -16.08 -28.69
CA ASP B 74 -36.77 -17.02 -29.52
C ASP B 74 -37.63 -16.26 -30.52
N ASP B 75 -38.09 -15.09 -30.08
CA ASP B 75 -38.45 -13.93 -30.91
C ASP B 75 -37.59 -13.72 -32.21
N GLY B 76 -36.29 -14.01 -32.14
CA GLY B 76 -35.34 -13.71 -33.23
C GLY B 76 -34.53 -12.44 -32.93
N THR B 77 -35.07 -11.57 -32.09
CA THR B 77 -34.36 -10.39 -31.65
C THR B 77 -33.15 -10.75 -30.77
N TYR B 78 -32.33 -9.76 -30.50
CA TYR B 78 -31.16 -9.93 -29.62
C TYR B 78 -31.35 -9.04 -28.41
N VAL B 79 -30.98 -9.51 -27.22
CA VAL B 79 -30.98 -8.64 -26.04
C VAL B 79 -29.53 -8.39 -25.55
N ARG B 80 -29.28 -7.13 -25.18
CA ARG B 80 -27.95 -6.73 -24.71
C ARG B 80 -27.77 -7.21 -23.27
N ASN B 81 -26.75 -8.05 -23.08
CA ASN B 81 -26.36 -8.58 -21.79
C ASN B 81 -25.01 -7.98 -21.33
N TYR B 82 -24.90 -7.64 -20.05
CA TYR B 82 -23.67 -7.07 -19.46
C TYR B 82 -23.08 -7.94 -18.33
N PRO B 83 -22.26 -8.97 -18.66
CA PRO B 83 -21.67 -9.76 -17.60
C PRO B 83 -20.75 -8.91 -16.73
N HIS B 84 -20.57 -9.31 -15.49
CA HIS B 84 -19.81 -8.57 -14.51
C HIS B 84 -20.31 -7.14 -14.49
N ASP B 85 -21.63 -7.00 -14.56
CA ASP B 85 -22.28 -5.73 -14.67
C ASP B 85 -21.75 -4.85 -13.53
N GLY B 86 -21.29 -3.65 -13.85
CA GLY B 86 -20.64 -2.79 -12.81
C GLY B 86 -19.14 -2.58 -13.03
N ALA B 88 -16.18 -1.32 -15.01
CA ALA B 88 -15.88 -0.34 -16.06
C ALA B 88 -17.14 0.20 -16.70
N SER B 89 -18.18 0.38 -15.92
CA SER B 89 -19.48 0.81 -16.41
C SER B 89 -19.39 2.02 -17.36
N HIS B 90 -18.68 3.05 -16.95
CA HIS B 90 -18.71 4.28 -17.72
C HIS B 90 -17.97 4.06 -19.00
N THR B 91 -16.94 3.20 -19.00
CA THR B 91 -16.22 2.92 -20.23
C THR B 91 -17.00 2.08 -21.23
N VAL B 92 -17.66 1.04 -20.74
CA VAL B 92 -18.50 0.23 -21.55
C VAL B 92 -19.67 1.05 -22.06
N GLY B 93 -20.30 1.84 -21.18
CA GLY B 93 -21.40 2.74 -21.57
C GLY B 93 -22.71 2.04 -21.88
N TYR B 94 -23.53 2.70 -22.66
CA TYR B 94 -24.96 2.34 -22.81
C TYR B 94 -25.57 3.14 -23.95
N ILE B 95 -26.68 2.62 -24.46
CA ILE B 95 -27.56 3.31 -25.37
C ILE B 95 -28.95 3.29 -24.72
N SER B 96 -29.47 4.44 -24.34
CA SER B 96 -30.73 4.52 -23.60
C SER B 96 -31.55 5.70 -24.12
N THR B 97 -32.81 5.50 -24.46
CA THR B 97 -33.63 6.63 -24.88
C THR B 97 -33.65 7.70 -23.79
N GLN B 98 -33.79 7.27 -22.55
CA GLN B 98 -33.96 8.21 -21.46
C GLN B 98 -32.62 8.81 -21.01
N TYR B 99 -31.58 7.99 -20.96
CA TYR B 99 -30.31 8.37 -20.36
C TYR B 99 -29.29 8.82 -21.35
N GLY B 100 -29.54 8.60 -22.63
CA GLY B 100 -28.55 9.05 -23.63
C GLY B 100 -27.65 7.92 -24.04
N THR B 101 -26.52 8.27 -24.63
CA THR B 101 -25.52 7.29 -25.01
C THR B 101 -24.18 7.68 -24.42
N ALA B 102 -23.35 6.69 -24.18
CA ALA B 102 -22.08 6.93 -23.53
C ALA B 102 -21.15 5.76 -23.81
N GLY B 103 -19.89 6.05 -23.59
CA GLY B 103 -18.83 5.05 -23.62
C GLY B 103 -18.68 4.35 -24.95
N ILE B 104 -18.15 3.12 -24.92
CA ILE B 104 -17.89 2.31 -26.11
C ILE B 104 -19.13 1.96 -26.89
N GLU B 105 -20.19 1.56 -26.18
CA GLU B 105 -21.48 1.35 -26.85
C GLU B 105 -21.79 2.54 -27.82
N SER B 106 -21.55 3.76 -27.37
CA SER B 106 -21.75 4.94 -28.19
C SER B 106 -20.62 5.11 -29.20
N SER B 107 -19.40 5.31 -28.72
CA SER B 107 -18.26 5.63 -29.60
C SER B 107 -17.97 4.61 -30.73
N ASN B 109 -20.29 2.45 -31.90
CA ASN B 109 -21.59 1.96 -32.29
C ASN B 109 -21.67 1.39 -33.71
N GLU B 110 -21.16 2.16 -34.68
CA GLU B 110 -21.08 1.71 -36.10
C GLU B 110 -20.37 0.39 -36.28
N THR B 111 -19.30 0.17 -35.51
CA THR B 111 -18.55 -1.07 -35.59
C THR B 111 -19.29 -2.22 -34.94
N LEU B 112 -19.84 -1.95 -33.77
CA LEU B 112 -20.61 -2.95 -33.05
C LEU B 112 -21.93 -3.29 -33.78
N THR B 113 -22.49 -2.36 -34.54
CA THR B 113 -23.77 -2.58 -35.28
C THR B 113 -23.44 -3.13 -36.65
N ARG B 122 -32.59 -7.54 -50.51
CA ARG B 122 -31.93 -8.31 -49.46
C ARG B 122 -32.01 -7.64 -48.07
N SER B 123 -31.65 -6.37 -48.00
CA SER B 123 -31.94 -5.55 -46.81
C SER B 123 -33.46 -5.31 -46.66
N ALA B 124 -34.19 -5.53 -47.74
CA ALA B 124 -35.65 -5.49 -47.70
C ALA B 124 -36.27 -6.54 -46.76
N LEU B 125 -35.62 -7.69 -46.62
CA LEU B 125 -36.18 -8.83 -45.89
C LEU B 125 -35.70 -8.84 -44.45
N TYR B 126 -36.59 -8.57 -43.50
CA TYR B 126 -36.20 -8.60 -42.11
C TYR B 126 -35.84 -10.01 -41.73
N SER B 127 -36.43 -10.99 -42.43
CA SER B 127 -36.16 -12.37 -42.11
C SER B 127 -34.69 -12.73 -42.42
N ALA B 129 -32.19 -10.42 -42.07
CA ALA B 129 -31.37 -9.46 -41.35
C ALA B 129 -30.21 -10.17 -40.61
N GLY B 130 -30.52 -11.28 -39.96
CA GLY B 130 -29.51 -12.03 -39.21
C GLY B 130 -28.45 -12.82 -39.96
N ILE B 131 -28.47 -12.84 -41.30
CA ILE B 131 -27.54 -13.69 -42.06
C ILE B 131 -26.26 -12.97 -42.47
N THR B 134 -23.87 -9.31 -38.68
CA THR B 134 -23.37 -9.28 -37.31
C THR B 134 -22.37 -8.13 -37.10
N GLY B 135 -22.50 -7.45 -35.96
CA GLY B 135 -21.51 -6.49 -35.55
C GLY B 135 -20.16 -7.15 -35.31
N SER B 136 -19.10 -6.37 -35.44
CA SER B 136 -17.79 -6.91 -35.16
C SER B 136 -17.51 -6.51 -33.70
N SER B 137 -16.57 -7.19 -33.04
CA SER B 137 -16.35 -7.00 -31.60
C SER B 137 -15.19 -6.11 -31.29
N VAL B 138 -15.22 -5.55 -30.10
CA VAL B 138 -14.21 -4.59 -29.68
C VAL B 138 -13.42 -5.11 -28.49
N VAL B 139 -12.10 -5.17 -28.66
CA VAL B 139 -11.21 -5.55 -27.59
C VAL B 139 -10.60 -4.28 -27.04
N LEU B 140 -10.82 -4.02 -25.77
CA LEU B 140 -10.31 -2.81 -25.14
C LEU B 140 -8.88 -3.01 -24.69
N THR B 141 -8.20 -1.88 -24.44
CA THR B 141 -6.89 -1.86 -23.79
C THR B 141 -7.01 -2.07 -22.28
N ILE B 142 -8.19 -1.91 -21.75
CA ILE B 142 -8.45 -2.08 -20.34
C ILE B 142 -8.14 -3.52 -19.90
N ASN B 143 -7.31 -3.62 -18.86
CA ASN B 143 -7.01 -4.91 -18.22
C ASN B 143 -7.91 -5.09 -17.00
N SER B 144 -8.61 -6.22 -16.91
CA SER B 144 -9.61 -6.44 -15.84
C SER B 144 -9.09 -6.43 -14.43
N GLN B 145 -7.85 -6.88 -14.26
CA GLN B 145 -7.25 -6.87 -12.93
C GLN B 145 -6.88 -5.47 -12.47
N GLN B 147 -8.29 -2.80 -13.69
CA GLN B 147 -9.60 -2.15 -13.51
C GLN B 147 -10.18 -2.41 -12.11
N ALA B 148 -10.10 -3.67 -11.66
CA ALA B 148 -10.59 -4.07 -10.34
C ALA B 148 -9.78 -3.37 -9.26
N VAL B 149 -8.48 -3.22 -9.49
CA VAL B 149 -7.66 -2.46 -8.55
C VAL B 149 -8.11 -1.00 -8.43
N ALA B 150 -8.32 -0.33 -9.56
CA ALA B 150 -8.76 1.06 -9.53
C ALA B 150 -10.12 1.20 -8.90
N GLU B 151 -11.02 0.31 -9.27
CA GLU B 151 -12.36 0.32 -8.70
C GLU B 151 -12.37 0.10 -7.20
N ALA B 152 -11.56 -0.86 -6.74
CA ALA B 152 -11.46 -1.08 -5.32
C ALA B 152 -10.93 0.13 -4.56
N ALA B 153 -9.97 0.85 -5.15
CA ALA B 153 -9.38 2.02 -4.49
C ALA B 153 -10.36 3.18 -4.33
N LEU B 154 -11.38 3.24 -5.20
CA LEU B 154 -12.42 4.28 -5.10
C LEU B 154 -13.60 3.99 -4.17
N GLN B 155 -13.77 2.74 -3.74
CA GLN B 155 -14.90 2.38 -2.85
C GLN B 155 -15.12 3.38 -1.72
N GLY B 156 -16.34 3.88 -1.58
CA GLY B 156 -16.66 4.81 -0.51
C GLY B 156 -16.30 6.26 -0.80
N TYR B 157 -15.69 6.55 -1.95
CA TYR B 157 -15.36 7.93 -2.31
C TYR B 157 -16.00 8.31 -3.62
N SER B 158 -16.16 9.61 -3.84
CA SER B 158 -16.44 10.10 -5.19
C SER B 158 -15.11 10.52 -5.79
N GLY B 159 -14.90 10.23 -7.06
CA GLY B 159 -13.71 10.67 -7.75
C GLY B 159 -13.42 9.77 -8.90
N SER B 160 -12.16 9.73 -9.31
CA SER B 160 -11.82 8.93 -10.48
C SER B 160 -10.36 8.60 -10.54
N ILE B 161 -10.05 7.57 -11.33
CA ILE B 161 -8.68 7.09 -11.49
C ILE B 161 -8.46 6.68 -12.91
N VAL B 162 -7.31 7.06 -13.47
CA VAL B 162 -6.92 6.57 -14.80
C VAL B 162 -5.53 5.95 -14.65
N VAL B 163 -5.33 4.80 -15.26
CA VAL B 163 -3.99 4.20 -15.36
C VAL B 163 -3.71 4.04 -16.83
N ASP B 165 -0.53 3.52 -20.04
CA ASP B 165 0.84 3.15 -20.51
C ASP B 165 1.52 4.44 -21.07
N PRO B 166 2.62 4.89 -20.48
CA PRO B 166 3.14 6.20 -20.95
C PRO B 166 3.78 6.20 -22.34
N SER B 167 4.20 5.05 -22.85
CA SER B 167 4.83 5.09 -24.16
C SER B 167 3.78 5.13 -25.28
N THR B 168 2.55 4.72 -24.99
CA THR B 168 1.53 4.59 -26.06
C THR B 168 0.29 5.40 -25.87
N GLY B 169 -0.05 5.70 -24.62
CA GLY B 169 -1.33 6.33 -24.29
C GLY B 169 -2.45 5.33 -24.12
N ALA B 170 -2.14 4.05 -24.10
CA ALA B 170 -3.16 3.04 -23.93
C ALA B 170 -3.72 3.17 -22.53
N VAL B 171 -5.04 3.19 -22.45
CA VAL B 171 -5.68 3.27 -21.17
C VAL B 171 -5.92 1.86 -20.64
N LEU B 172 -5.27 1.61 -19.50
CA LEU B 172 -5.24 0.31 -18.87
C LEU B 172 -6.32 0.08 -17.79
N ALA B 173 -6.71 1.15 -17.11
CA ALA B 173 -7.82 1.13 -16.18
C ALA B 173 -8.38 2.55 -16.16
N LYS B 174 -9.70 2.64 -15.94
CA LYS B 174 -10.40 3.90 -16.02
C LYS B 174 -11.63 3.69 -15.16
N ALA B 175 -11.68 4.38 -14.01
CA ALA B 175 -12.76 4.18 -13.10
C ALA B 175 -13.27 5.50 -12.57
N SER B 176 -14.59 5.57 -12.44
CA SER B 176 -15.26 6.75 -11.88
C SER B 176 -16.24 6.29 -10.79
N SER B 177 -16.35 7.09 -9.73
CA SER B 177 -17.21 6.81 -8.60
C SER B 177 -17.97 8.08 -8.14
N PRO B 178 -19.29 7.97 -7.80
CA PRO B 178 -20.09 6.75 -7.76
C PRO B 178 -20.34 6.21 -9.15
N SER B 179 -20.64 4.94 -9.22
CA SER B 179 -20.90 4.28 -10.48
C SER B 179 -22.28 3.68 -10.51
N TYR B 180 -22.57 2.86 -11.49
CA TYR B 180 -23.91 2.40 -11.74
C TYR B 180 -23.76 1.03 -12.38
N THR B 181 -24.84 0.27 -12.45
CA THR B 181 -24.90 -0.95 -13.24
C THR B 181 -25.90 -0.73 -14.34
N HIS B 182 -25.74 -1.49 -15.41
CA HIS B 182 -26.66 -1.46 -16.54
C HIS B 182 -28.06 -1.89 -16.16
N ALA B 183 -28.17 -2.76 -15.17
CA ALA B 183 -29.46 -3.14 -14.58
C ALA B 183 -30.22 -1.92 -14.09
N GLU B 184 -29.54 -1.02 -13.38
CA GLU B 184 -30.18 0.21 -12.88
C GLU B 184 -30.75 1.12 -13.98
N LEU B 185 -30.24 1.02 -15.19
CA LEU B 185 -30.73 1.88 -16.28
C LEU B 185 -32.10 1.49 -16.75
N GLY B 186 -32.57 0.31 -16.35
CA GLY B 186 -33.99 -0.05 -16.50
C GLY B 186 -34.90 0.46 -15.38
N THR B 187 -34.56 1.57 -14.72
CA THR B 187 -35.39 2.11 -13.61
C THR B 187 -35.46 3.65 -13.67
N SER B 195 -25.64 11.98 -10.86
CA SER B 195 -24.22 11.99 -10.52
C SER B 195 -23.51 10.72 -10.99
N GLN B 196 -24.13 9.58 -10.74
CA GLN B 196 -23.57 8.28 -11.06
C GLN B 196 -23.25 8.16 -12.51
N LEU B 197 -24.00 8.84 -13.36
CA LEU B 197 -23.79 8.70 -14.79
C LEU B 197 -22.65 9.57 -15.32
N VAL B 198 -22.21 10.59 -14.61
CA VAL B 198 -21.08 11.43 -15.05
C VAL B 198 -19.81 10.59 -15.08
N ASP B 199 -19.06 10.61 -16.17
CA ASP B 199 -17.75 9.96 -16.18
C ASP B 199 -16.72 10.96 -15.73
N ARG B 200 -16.33 10.84 -14.46
CA ARG B 200 -15.41 11.80 -13.86
C ARG B 200 -13.97 11.64 -14.32
N THR B 201 -13.66 10.67 -15.19
CA THR B 201 -12.35 10.64 -15.78
C THR B 201 -12.21 11.57 -16.99
N THR B 202 -13.31 11.80 -17.73
CA THR B 202 -13.22 12.44 -19.01
C THR B 202 -14.20 13.57 -19.25
N GLN B 203 -15.27 13.63 -18.48
CA GLN B 203 -16.36 14.52 -18.78
C GLN B 203 -16.73 15.38 -17.60
N ALA B 204 -15.78 15.58 -16.70
CA ALA B 204 -15.98 16.54 -15.60
C ALA B 204 -14.73 17.37 -15.53
N LEU B 205 -14.83 18.65 -15.26
CA LEU B 205 -13.67 19.51 -15.16
C LEU B 205 -13.44 19.88 -13.72
N TYR B 206 -12.18 19.89 -13.32
CA TYR B 206 -11.75 20.27 -11.99
C TYR B 206 -10.66 21.32 -12.03
N SER B 207 -10.63 22.19 -11.03
CA SER B 207 -9.40 22.94 -10.76
C SER B 207 -8.33 21.94 -10.33
N PRO B 208 -7.20 21.88 -11.05
CA PRO B 208 -6.15 20.86 -10.77
C PRO B 208 -5.32 21.16 -9.52
N GLY B 209 -5.40 22.39 -9.02
CA GLY B 209 -4.55 22.84 -7.89
C GLY B 209 -3.09 22.58 -8.28
N SER B 210 -2.30 22.21 -7.28
CA SER B 210 -0.85 22.14 -7.41
C SER B 210 -0.38 21.07 -8.37
N SER B 211 -1.28 20.16 -8.80
CA SER B 211 -0.87 19.19 -9.82
C SER B 211 -0.44 19.87 -11.11
N PHE B 212 -1.08 21.00 -11.43
CA PHE B 212 -0.75 21.79 -12.61
C PHE B 212 0.67 22.45 -12.54
N LYS B 213 1.24 22.60 -11.35
CA LYS B 213 2.60 23.10 -11.25
C LYS B 213 3.60 22.28 -12.05
N THR B 214 3.26 21.05 -12.39
CA THR B 214 4.06 20.24 -13.28
C THR B 214 4.26 20.96 -14.61
N VAL B 215 3.17 21.57 -15.10
CA VAL B 215 3.21 22.31 -16.40
C VAL B 215 4.03 23.58 -16.22
N THR B 216 3.77 24.31 -15.16
CA THR B 216 4.55 25.53 -14.91
C THR B 216 6.03 25.23 -14.84
N LEU B 217 6.39 24.19 -14.10
CA LEU B 217 7.77 23.82 -13.97
C LEU B 217 8.37 23.40 -15.30
N ALA B 218 7.68 22.54 -16.02
CA ALA B 218 8.18 22.10 -17.30
C ALA B 218 8.42 23.27 -18.26
N ALA B 219 7.51 24.23 -18.27
CA ALA B 219 7.63 25.38 -19.17
C ALA B 219 8.82 26.24 -18.73
N GLY B 220 8.99 26.40 -17.43
CA GLY B 220 10.05 27.27 -16.94
C GLY B 220 11.42 26.68 -17.30
N ILE B 221 11.53 25.37 -17.16
CA ILE B 221 12.76 24.70 -17.52
C ILE B 221 12.98 24.68 -19.00
N ASP B 222 11.93 24.39 -19.75
CA ASP B 222 12.07 24.25 -21.22
C ASP B 222 12.45 25.56 -21.94
N THR B 223 11.98 26.69 -21.38
CA THR B 223 12.27 27.98 -21.90
C THR B 223 13.61 28.49 -21.40
N HIS B 224 14.30 27.73 -20.57
CA HIS B 224 15.62 28.11 -20.00
C HIS B 224 15.56 29.39 -19.19
N LYS B 225 14.46 29.53 -18.49
CA LYS B 225 14.27 30.64 -17.58
C LYS B 225 14.58 30.29 -16.12
N THR B 226 14.76 29.00 -15.80
CA THR B 226 15.06 28.59 -14.42
C THR B 226 15.64 27.17 -14.44
N THR B 227 16.08 26.71 -13.26
CA THR B 227 16.64 25.36 -13.11
C THR B 227 16.12 24.87 -11.78
N LEU B 228 16.25 23.56 -11.54
CA LEU B 228 15.85 22.98 -10.25
C LEU B 228 16.67 23.56 -9.09
N ASP B 229 17.91 23.96 -9.35
CA ASP B 229 18.79 24.47 -8.29
C ASP B 229 18.68 25.97 -8.06
N THR B 230 17.93 26.66 -8.88
CA THR B 230 17.78 28.11 -8.77
C THR B 230 16.96 28.39 -7.50
N THR B 231 17.42 29.33 -6.69
CA THR B 231 16.68 29.61 -5.45
C THR B 231 15.62 30.66 -5.64
N TYR B 232 14.56 30.49 -4.88
CA TYR B 232 13.39 31.36 -4.90
C TYR B 232 13.07 31.74 -3.47
N SER B 233 12.62 32.96 -3.30
CA SER B 233 12.00 33.33 -2.06
C SER B 233 10.60 32.70 -2.02
N ALA B 234 10.29 32.02 -0.91
CA ALA B 234 9.02 31.32 -0.75
C ALA B 234 8.30 31.75 0.53
N PRO B 235 7.98 33.05 0.63
CA PRO B 235 7.34 33.55 1.86
C PRO B 235 5.89 33.07 2.01
N GLY B 236 5.35 33.35 3.19
CA GLY B 236 4.01 32.94 3.53
C GLY B 236 2.99 33.60 2.64
N THR B 237 3.21 34.88 2.37
CA THR B 237 2.31 35.66 1.56
C THR B 237 3.19 36.57 0.74
N GLU B 239 2.73 39.90 -2.44
CA GLU B 239 1.96 40.71 -3.35
C GLU B 239 2.39 40.40 -4.76
N ILE B 240 1.44 40.15 -5.64
CA ILE B 240 1.75 39.93 -7.04
C ILE B 240 0.57 40.46 -7.83
N GLY B 241 0.85 41.33 -8.78
CA GLY B 241 -0.16 41.94 -9.63
C GLY B 241 -1.25 42.65 -8.89
N GLY B 242 -0.91 43.29 -7.78
CA GLY B 242 -1.90 44.05 -7.02
C GLY B 242 -2.79 43.23 -6.13
N GLY B 243 -2.61 41.90 -6.12
CA GLY B 243 -3.29 41.07 -5.14
C GLY B 243 -2.24 40.26 -4.39
N THR B 244 -2.70 39.25 -3.65
CA THR B 244 -1.89 38.49 -2.75
C THR B 244 -1.92 37.04 -3.20
N ILE B 245 -0.81 36.35 -2.97
CA ILE B 245 -0.65 34.88 -3.12
C ILE B 245 -0.15 34.40 -1.78
N HIS B 246 -0.58 33.22 -1.38
CA HIS B 246 -0.08 32.65 -0.14
C HIS B 246 0.27 31.18 -0.28
N ASN B 247 1.33 30.78 0.43
CA ASN B 247 1.57 29.36 0.69
C ASN B 247 0.48 28.77 1.59
N TYR B 248 0.21 27.49 1.39
CA TYR B 248 -0.65 26.73 2.29
C TYR B 248 -0.31 27.07 3.70
N ALA B 249 -1.32 27.40 4.49
CA ALA B 249 -1.13 27.78 5.90
C ALA B 249 -0.31 29.03 6.12
N ASN B 250 -0.07 29.83 5.10
CA ASN B 250 0.88 30.94 5.16
C ASN B 250 2.30 30.56 5.64
N GLU B 251 2.75 29.35 5.34
CA GLU B 251 4.07 28.96 5.78
C GLU B 251 5.18 29.71 5.04
N ASP B 252 5.99 30.43 5.79
CA ASP B 252 7.18 31.09 5.26
C ASP B 252 8.26 30.03 5.17
N GLY B 254 11.27 30.66 3.63
CA GLY B 254 12.55 31.31 3.30
C GLY B 254 12.97 31.11 1.86
N THR B 255 14.27 31.14 1.60
CA THR B 255 14.80 31.03 0.27
C THR B 255 15.23 29.58 0.07
N ILE B 256 14.71 28.95 -0.98
CA ILE B 256 14.93 27.52 -1.17
C ILE B 256 15.08 27.25 -2.64
N PRO B 257 15.76 26.16 -2.98
CA PRO B 257 15.85 25.83 -4.40
C PRO B 257 14.51 25.40 -4.98
N LEU B 258 14.33 25.63 -6.24
CA LEU B 258 13.09 25.33 -6.90
C LEU B 258 12.71 23.84 -6.75
N ARG B 259 13.67 22.91 -6.75
CA ARG B 259 13.28 21.52 -6.57
C ARG B 259 12.57 21.34 -5.24
N GLU B 260 13.04 22.03 -4.21
CA GLU B 260 12.45 21.98 -2.89
C GLU B 260 11.12 22.74 -2.83
N ALA B 261 11.01 23.89 -3.48
CA ALA B 261 9.71 24.60 -3.56
C ALA B 261 8.66 23.73 -4.25
N PHE B 262 9.07 23.02 -5.29
CA PHE B 262 8.16 22.12 -6.00
C PHE B 262 7.75 20.91 -5.12
N ALA B 263 8.73 20.31 -4.42
CA ALA B 263 8.46 19.16 -3.56
C ALA B 263 7.54 19.53 -2.39
N ARG B 264 7.72 20.72 -1.82
CA ARG B 264 6.89 21.19 -0.74
C ARG B 264 5.66 21.93 -1.22
N SER B 265 5.52 22.08 -2.54
CA SER B 265 4.37 22.73 -3.16
C SER B 265 4.11 24.21 -2.76
N SER B 266 5.14 25.05 -2.77
CA SER B 266 4.98 26.46 -2.44
C SER B 266 4.26 27.20 -3.53
N ASN B 267 3.14 27.84 -3.20
CA ASN B 267 2.51 28.75 -4.18
C ASN B 267 3.28 30.03 -4.49
N THR B 268 3.86 30.65 -3.47
CA THR B 268 4.56 31.91 -3.68
C THR B 268 5.78 31.71 -4.58
N ALA B 269 6.48 30.59 -4.44
CA ALA B 269 7.59 30.31 -5.34
C ALA B 269 7.12 30.04 -6.75
N LEU B 270 6.16 29.14 -6.92
CA LEU B 270 5.76 28.73 -8.30
C LEU B 270 5.03 29.85 -9.03
N ALA B 271 4.33 30.70 -8.30
CA ALA B 271 3.66 31.87 -8.89
C ALA B 271 4.70 32.82 -9.48
N GLN B 272 5.86 32.93 -8.83
CA GLN B 272 6.94 33.79 -9.36
C GLN B 272 7.43 33.23 -10.70
N LEU B 273 7.54 31.91 -10.82
CA LEU B 273 7.90 31.27 -12.09
C LEU B 273 6.84 31.52 -13.17
N GLY B 274 5.56 31.39 -12.80
CA GLY B 274 4.46 31.69 -13.71
C GLY B 274 4.51 33.09 -14.32
N VAL B 275 4.75 34.06 -13.46
CA VAL B 275 4.81 35.46 -13.86
C VAL B 275 6.04 35.71 -14.72
N ALA B 276 7.16 35.06 -14.41
CA ALA B 276 8.33 35.15 -15.27
C ALA B 276 8.09 34.51 -16.62
N LEU B 277 7.34 33.42 -16.66
CA LEU B 277 7.03 32.80 -17.96
C LEU B 277 6.15 33.72 -18.83
N GLY B 278 5.15 34.33 -18.18
CA GLY B 278 4.13 35.10 -18.87
C GLY B 278 2.99 34.23 -19.36
N ALA B 279 1.90 34.89 -19.69
CA ALA B 279 0.70 34.19 -20.08
C ALA B 279 0.85 33.44 -21.38
N ASP B 280 1.52 34.01 -22.37
CA ASP B 280 1.62 33.38 -23.67
C ASP B 280 2.31 32.02 -23.53
N ASN B 281 3.40 32.00 -22.77
CA ASN B 281 4.17 30.80 -22.59
C ASN B 281 3.38 29.76 -21.77
N LEU B 282 2.76 30.20 -20.69
CA LEU B 282 2.02 29.26 -19.86
C LEU B 282 0.89 28.61 -20.63
N VAL B 283 0.12 29.41 -21.38
CA VAL B 283 -0.95 28.83 -22.18
C VAL B 283 -0.39 27.94 -23.26
N SER B 284 0.65 28.38 -23.93
CA SER B 284 1.21 27.60 -25.01
C SER B 284 1.72 26.23 -24.58
N TYR B 285 2.42 26.18 -23.47
CA TYR B 285 2.84 24.90 -22.92
C TYR B 285 1.64 24.05 -22.44
N ALA B 286 0.67 24.65 -21.77
CA ALA B 286 -0.51 23.88 -21.38
C ALA B 286 -1.12 23.23 -22.65
N ARG B 287 -1.27 24.00 -23.75
CA ARG B 287 -1.82 23.49 -24.96
C ARG B 287 -0.99 22.41 -25.62
N ALA B 288 0.34 22.51 -25.52
CA ALA B 288 1.21 21.50 -26.08
C ALA B 288 1.06 20.18 -25.31
N PHE B 289 0.73 20.27 -24.03
CA PHE B 289 0.41 19.05 -23.24
C PHE B 289 -0.98 18.51 -23.49
N GLY B 290 -1.80 19.20 -24.27
CA GLY B 290 -3.15 18.76 -24.61
C GLY B 290 -4.30 19.67 -24.28
N TYR B 291 -4.08 20.71 -23.49
CA TYR B 291 -5.19 21.62 -23.15
C TYR B 291 -5.80 22.17 -24.46
N GLY B 292 -7.11 22.22 -24.51
CA GLY B 292 -7.83 22.67 -25.69
C GLY B 292 -8.13 21.53 -26.67
N THR B 293 -7.58 20.35 -26.45
CA THR B 293 -7.83 19.19 -27.30
C THR B 293 -8.83 18.24 -26.65
N ALA B 294 -9.79 17.70 -27.44
CA ALA B 294 -10.68 16.66 -26.94
C ALA B 294 -9.91 15.34 -26.98
N LEU B 295 -9.17 15.04 -25.91
CA LEU B 295 -8.26 13.88 -25.88
C LEU B 295 -9.00 12.58 -26.15
N GLY B 296 -8.35 11.64 -26.83
CA GLY B 296 -8.93 10.31 -26.98
C GLY B 296 -9.09 9.98 -28.44
N GLN B 297 -8.43 8.92 -28.89
CA GLN B 297 -8.59 8.51 -30.29
C GLN B 297 -9.93 7.93 -30.53
N ASP B 298 -10.51 7.32 -29.50
CA ASP B 298 -11.67 6.47 -29.70
C ASP B 298 -12.62 6.56 -28.51
N PHE B 299 -12.51 7.65 -27.78
CA PHE B 299 -13.48 7.95 -26.74
C PHE B 299 -13.49 9.50 -26.60
N SER B 300 -14.53 10.01 -25.94
CA SER B 300 -14.73 11.44 -25.78
C SER B 300 -14.19 11.94 -24.49
N THR B 301 -13.35 12.97 -24.56
CA THR B 301 -12.90 13.74 -23.39
C THR B 301 -13.25 15.21 -23.63
N THR B 302 -13.74 15.90 -22.63
CA THR B 302 -14.00 17.33 -22.73
C THR B 302 -12.67 18.03 -22.58
N PRO B 303 -12.38 18.96 -23.49
CA PRO B 303 -11.07 19.64 -23.42
C PRO B 303 -10.83 20.39 -22.15
N SER B 304 -9.60 20.32 -21.67
CA SER B 304 -9.16 21.09 -20.53
C SER B 304 -8.92 22.52 -21.00
N LEU B 305 -9.20 23.47 -20.11
CA LEU B 305 -9.35 24.84 -20.53
C LEU B 305 -8.29 25.77 -19.96
N PRO B 307 -7.35 30.20 -20.27
CA PRO B 307 -7.86 31.44 -20.91
C PRO B 307 -7.18 31.78 -22.24
N ASN B 308 -7.71 32.82 -22.89
CA ASN B 308 -7.01 33.57 -23.91
C ASN B 308 -5.92 34.39 -23.17
N PRO B 309 -4.65 34.17 -23.52
CA PRO B 309 -3.61 34.78 -22.74
C PRO B 309 -3.67 36.28 -22.81
N ALA B 310 -4.27 36.81 -23.87
CA ALA B 310 -4.35 38.24 -24.00
C ALA B 310 -5.31 38.84 -23.03
N GLU B 311 -6.19 38.03 -22.44
CA GLU B 311 -7.15 38.54 -21.48
C GLU B 311 -6.71 38.40 -20.05
N THR B 313 -4.71 38.73 -16.46
CA THR B 313 -4.01 39.73 -15.67
C THR B 313 -2.84 39.06 -14.97
N THR B 314 -1.95 39.88 -14.42
CA THR B 314 -0.76 39.33 -13.76
C THR B 314 -1.17 38.52 -12.51
N TRP B 315 -2.10 39.01 -11.71
CA TRP B 315 -2.62 38.24 -10.56
C TRP B 315 -3.29 36.91 -10.98
N GLU B 316 -4.09 36.94 -12.03
CA GLU B 316 -4.71 35.69 -12.55
C GLU B 316 -3.63 34.71 -12.92
N LEU B 317 -2.62 35.20 -13.61
CA LEU B 317 -1.52 34.38 -14.12
C LEU B 317 -0.79 33.70 -12.98
N ALA B 318 -0.53 34.47 -11.92
CA ALA B 318 0.10 33.93 -10.74
C ALA B 318 -0.69 32.75 -10.14
N TRP B 319 -2.01 32.90 -10.04
CA TRP B 319 -2.82 31.81 -9.50
C TRP B 319 -2.95 30.65 -10.50
N ALA B 320 -2.99 30.96 -11.79
CA ALA B 320 -3.15 29.90 -12.80
C ALA B 320 -1.93 28.99 -12.77
N SER B 321 -0.77 29.61 -12.56
CA SER B 321 0.50 28.87 -12.55
C SER B 321 0.58 27.89 -11.35
N CYS B 322 -0.24 28.11 -10.30
CA CYS B 322 -0.40 27.21 -9.18
C CYS B 322 -1.64 26.29 -9.31
N GLY B 323 -2.36 26.36 -10.42
CA GLY B 323 -3.47 25.47 -10.74
C GLY B 323 -4.83 25.95 -10.29
N LEU B 324 -4.95 27.23 -9.96
CA LEU B 324 -6.23 27.81 -9.53
C LEU B 324 -6.77 28.80 -10.60
N PRO B 325 -7.96 28.52 -11.17
CA PRO B 325 -8.54 29.44 -12.15
C PRO B 325 -9.28 30.56 -11.47
N VAL B 326 -8.81 31.80 -11.59
CA VAL B 326 -9.49 32.95 -10.95
C VAL B 326 -9.88 34.05 -11.92
N GLY B 327 -9.68 33.82 -13.21
CA GLY B 327 -9.87 34.88 -14.20
C GLY B 327 -11.35 35.29 -14.40
N GLU B 328 -11.56 36.51 -14.85
CA GLU B 328 -12.89 37.01 -15.20
C GLU B 328 -12.79 37.75 -16.51
N HIS B 329 -13.28 37.14 -17.59
CA HIS B 329 -13.10 37.69 -18.93
C HIS B 329 -13.94 36.84 -19.83
N ALA B 330 -14.01 37.18 -21.10
CA ALA B 330 -14.86 36.45 -22.02
C ALA B 330 -14.42 34.98 -22.15
N SER B 331 -13.12 34.72 -22.18
CA SER B 331 -12.61 33.33 -22.31
C SER B 331 -12.74 32.61 -20.97
N PRO B 332 -12.73 31.28 -20.99
CA PRO B 332 -12.82 30.58 -19.69
C PRO B 332 -11.69 30.92 -18.70
N ALA B 333 -11.99 30.80 -17.42
CA ALA B 333 -10.96 30.75 -16.40
C ALA B 333 -10.21 29.43 -16.56
N GLY B 334 -8.93 29.44 -16.21
CA GLY B 334 -8.19 28.21 -16.25
C GLY B 334 -6.96 28.24 -15.35
N PRO B 335 -6.34 27.09 -15.15
CA PRO B 335 -6.71 25.82 -15.73
C PRO B 335 -7.93 25.15 -15.13
N GLN B 336 -8.66 24.48 -16.00
CA GLN B 336 -9.67 23.53 -15.60
C GLN B 336 -9.32 22.27 -16.35
N THR B 337 -9.19 21.16 -15.62
CA THR B 337 -8.66 19.89 -16.14
C THR B 337 -9.61 18.73 -16.01
N THR B 338 -9.44 17.74 -16.88
CA THR B 338 -9.93 16.41 -16.63
C THR B 338 -8.83 15.57 -15.99
N VAL B 339 -9.24 14.51 -15.31
CA VAL B 339 -8.30 13.52 -14.80
C VAL B 339 -7.55 12.84 -15.95
N GLN B 341 -6.63 14.28 -18.78
CA GLN B 341 -5.58 15.27 -19.17
C GLN B 341 -4.40 15.26 -18.20
N ASN B 342 -4.71 15.15 -16.91
CA ASN B 342 -3.66 15.05 -15.89
C ASN B 342 -2.82 13.82 -16.13
N ALA B 343 -3.43 12.70 -16.50
CA ALA B 343 -2.67 11.54 -16.88
C ALA B 343 -1.78 11.79 -18.08
N VAL B 344 -2.31 12.45 -19.11
CA VAL B 344 -1.54 12.68 -20.31
C VAL B 344 -0.30 13.54 -20.03
N ILE B 345 -0.40 14.48 -19.09
CA ILE B 345 0.76 15.25 -18.66
C ILE B 345 1.78 14.38 -17.99
N ALA B 346 1.34 13.54 -17.06
CA ALA B 346 2.33 12.66 -16.39
C ALA B 346 2.99 11.71 -17.40
N ALA B 347 2.23 11.19 -18.35
CA ALA B 347 2.76 10.29 -19.37
C ALA B 347 3.78 10.96 -20.24
N ALA B 348 3.48 12.21 -20.63
CA ALA B 348 4.41 12.99 -21.45
C ALA B 348 5.75 13.19 -20.76
N ILE B 349 5.70 13.54 -19.50
CA ILE B 349 6.91 13.70 -18.70
C ILE B 349 7.64 12.37 -18.53
N ALA B 350 6.90 11.29 -18.31
CA ALA B 350 7.50 9.93 -18.24
C ALA B 350 8.08 9.46 -19.54
N ASN B 351 7.56 9.96 -20.64
CA ASN B 351 7.87 9.48 -22.02
C ASN B 351 8.79 10.45 -22.76
N GLY B 352 9.65 11.15 -22.04
CA GLY B 352 10.63 12.02 -22.68
C GLY B 352 10.09 13.25 -23.36
N GLY B 353 8.91 13.70 -22.91
CA GLY B 353 8.26 14.90 -23.40
C GLY B 353 7.30 14.71 -24.56
N VAL B 354 7.12 13.47 -25.01
CA VAL B 354 6.27 13.17 -26.15
C VAL B 354 4.87 12.85 -25.64
N VAL B 355 3.88 13.64 -26.10
CA VAL B 355 2.51 13.58 -25.68
C VAL B 355 1.84 12.55 -26.57
N ASN B 357 -1.78 10.69 -27.83
CA ASN B 357 -3.26 10.71 -27.79
C ASN B 357 -3.78 9.38 -27.23
N PRO B 358 -4.42 9.46 -26.07
CA PRO B 358 -4.77 8.20 -25.41
C PRO B 358 -5.87 7.47 -26.16
N TYR B 359 -5.95 6.16 -25.94
CA TYR B 359 -6.91 5.37 -26.60
C TYR B 359 -7.33 4.22 -25.75
N ILE B 360 -8.50 3.70 -26.03
CA ILE B 360 -9.03 2.62 -25.23
C ILE B 360 -9.44 1.37 -26.01
N VAL B 361 -9.38 1.40 -27.32
CA VAL B 361 -9.67 0.21 -28.15
C VAL B 361 -8.32 -0.33 -28.68
N ASP B 362 -8.01 -1.56 -28.32
CA ASP B 362 -6.78 -2.19 -28.80
C ASP B 362 -7.02 -2.64 -30.23
N ARG B 363 -8.11 -3.36 -30.44
CA ARG B 363 -8.40 -3.91 -31.77
C ARG B 363 -9.84 -4.30 -31.95
N VAL B 364 -10.17 -4.54 -33.21
CA VAL B 364 -11.52 -4.90 -33.62
C VAL B 364 -11.50 -6.22 -34.30
N LEU B 365 -12.50 -7.03 -33.94
CA LEU B 365 -12.56 -8.44 -34.32
C LEU B 365 -13.82 -8.69 -35.15
N SER B 366 -13.67 -9.47 -36.21
CA SER B 366 -14.79 -9.85 -37.02
C SER B 366 -15.64 -10.81 -36.21
N PRO B 367 -16.91 -11.00 -36.63
CA PRO B 367 -17.73 -12.05 -36.04
C PRO B 367 -17.00 -13.38 -35.92
N GLU B 368 -16.11 -13.64 -36.87
CA GLU B 368 -15.29 -14.86 -36.87
C GLU B 368 -14.26 -14.89 -35.73
N GLY B 369 -13.76 -13.72 -35.34
CA GLY B 369 -12.61 -13.64 -34.44
C GLY B 369 -11.34 -13.19 -35.15
N ALA B 370 -11.45 -12.92 -36.46
CA ALA B 370 -10.32 -12.39 -37.22
C ALA B 370 -10.07 -10.92 -36.84
N VAL B 371 -8.81 -10.51 -36.80
CA VAL B 371 -8.47 -9.16 -36.45
C VAL B 371 -8.72 -8.31 -37.68
N VAL B 372 -9.61 -7.34 -37.57
CA VAL B 372 -9.98 -6.48 -38.67
C VAL B 372 -9.18 -5.18 -38.63
N SER B 373 -8.97 -4.63 -37.45
CA SER B 373 -8.07 -3.51 -37.33
C SER B 373 -7.42 -3.45 -35.95
N THR B 374 -6.35 -2.68 -35.88
CA THR B 374 -5.61 -2.49 -34.65
C THR B 374 -5.30 -0.99 -34.55
N THR B 375 -5.49 -0.44 -33.36
CA THR B 375 -5.23 0.96 -33.16
C THR B 375 -3.73 1.20 -33.18
N SER B 376 -3.29 2.27 -33.82
CA SER B 376 -1.90 2.63 -33.73
C SER B 376 -1.74 3.81 -32.74
N PRO B 377 -0.79 3.71 -31.79
CA PRO B 377 -0.45 4.90 -31.00
C PRO B 377 -0.13 6.11 -31.87
N LYS B 378 -0.54 7.31 -31.43
CA LYS B 378 -0.32 8.51 -32.17
C LYS B 378 0.12 9.64 -31.22
N SER B 379 1.14 10.42 -31.62
CA SER B 379 1.61 11.55 -30.83
C SER B 379 0.84 12.80 -31.11
N LEU B 380 0.66 13.62 -30.09
CA LEU B 380 0.13 14.95 -30.29
C LEU B 380 1.27 15.96 -30.33
N GLY B 381 2.50 15.49 -30.38
CA GLY B 381 3.65 16.36 -30.46
C GLY B 381 4.58 16.24 -29.26
N GLN B 382 5.65 17.01 -29.30
CA GLN B 382 6.61 17.00 -28.24
C GLN B 382 6.42 18.28 -27.45
N ALA B 383 5.92 18.20 -26.25
CA ALA B 383 5.57 19.38 -25.46
C ALA B 383 6.78 20.07 -24.87
N VAL B 384 7.77 19.27 -24.44
CA VAL B 384 9.03 19.74 -23.90
C VAL B 384 10.12 18.81 -24.39
N SER B 385 11.37 19.28 -24.33
CA SER B 385 12.51 18.47 -24.72
C SER B 385 12.68 17.29 -23.80
N ALA B 386 13.47 16.35 -24.25
CA ALA B 386 13.85 15.21 -23.40
C ALA B 386 14.60 15.69 -22.16
N ASP B 387 15.49 16.65 -22.32
CA ASP B 387 16.25 17.15 -21.20
C ASP B 387 15.32 17.78 -20.16
N THR B 388 14.32 18.52 -20.63
CA THR B 388 13.35 19.08 -19.69
C THR B 388 12.54 18.00 -18.97
N ALA B 389 12.11 16.98 -19.72
CA ALA B 389 11.28 15.94 -19.15
C ALA B 389 12.07 15.20 -18.09
N ALA B 390 13.36 14.91 -18.33
CA ALA B 390 14.23 14.33 -17.31
C ALA B 390 14.29 15.16 -16.02
N GLN B 391 14.37 16.47 -16.13
CA GLN B 391 14.42 17.33 -14.95
C GLN B 391 13.11 17.33 -14.18
N VAL B 392 12.00 17.33 -14.93
CA VAL B 392 10.69 17.29 -14.31
C VAL B 392 10.46 15.94 -13.62
N ARG B 393 10.90 14.82 -14.24
CA ARG B 393 10.83 13.51 -13.58
C ARG B 393 11.60 13.56 -12.25
N GLU B 394 12.79 14.14 -12.29
CA GLU B 394 13.60 14.25 -11.07
C GLU B 394 12.89 15.10 -9.98
N ALA B 395 12.28 16.18 -10.38
CA ALA B 395 11.55 17.02 -9.41
C ALA B 395 10.35 16.26 -8.78
N LEU B 397 10.20 12.95 -8.50
CA LEU B 397 10.71 11.99 -7.53
C LEU B 397 10.86 12.69 -6.15
N GLY B 398 11.30 13.93 -6.16
CA GLY B 398 11.49 14.70 -4.90
C GLY B 398 10.20 14.86 -4.14
N VAL B 399 9.12 15.11 -4.88
CA VAL B 399 7.81 15.27 -4.30
C VAL B 399 7.46 14.04 -3.44
N VAL B 400 7.69 12.85 -4.02
CA VAL B 400 7.33 11.60 -3.38
C VAL B 400 8.36 11.16 -2.31
N GLU B 401 9.65 11.36 -2.58
CA GLU B 401 10.69 10.98 -1.61
C GLU B 401 10.76 11.90 -0.39
N SER B 402 10.54 13.21 -0.55
CA SER B 402 10.86 14.08 0.55
C SER B 402 9.86 15.22 0.73
N GLY B 403 8.78 15.22 -0.04
CA GLY B 403 7.82 16.34 -0.03
C GLY B 403 6.39 15.92 0.23
N THR B 404 5.45 16.61 -0.39
CA THR B 404 4.01 16.41 -0.08
C THR B 404 3.46 15.11 -0.64
N GLY B 405 4.20 14.37 -1.46
CA GLY B 405 3.72 13.10 -1.98
C GLY B 405 4.26 11.84 -1.26
N GLY B 407 3.18 10.06 1.03
CA GLY B 407 2.11 9.02 1.19
C GLY B 407 1.93 8.15 -0.06
N ALA B 408 2.49 8.56 -1.18
CA ALA B 408 2.52 7.70 -2.38
C ALA B 408 3.65 6.67 -2.41
N ARG B 409 4.57 6.76 -1.48
CA ARG B 409 5.68 5.78 -1.43
C ARG B 409 5.19 4.35 -1.15
N VAL B 410 5.79 3.38 -1.83
CA VAL B 410 5.48 1.98 -1.66
C VAL B 410 6.84 1.29 -1.51
N PRO B 411 7.02 0.55 -0.42
CA PRO B 411 8.32 -0.03 -0.19
C PRO B 411 8.69 -0.95 -1.33
N GLY B 412 9.91 -0.83 -1.80
CA GLY B 412 10.40 -1.71 -2.85
C GLY B 412 10.18 -1.19 -4.26
N VAL B 413 9.51 -0.07 -4.42
CA VAL B 413 9.40 0.53 -5.78
C VAL B 413 9.64 2.02 -5.70
N LYS B 414 10.24 2.57 -6.76
CA LYS B 414 10.49 3.99 -6.84
C LYS B 414 9.35 4.65 -7.64
N ILE B 415 8.66 5.55 -6.97
CA ILE B 415 7.45 6.22 -7.49
C ILE B 415 7.73 7.71 -7.48
N ALA B 416 7.29 8.38 -8.53
CA ALA B 416 7.43 9.85 -8.69
C ALA B 416 6.08 10.43 -9.00
N GLY B 417 5.85 11.66 -8.58
CA GLY B 417 4.57 12.30 -8.90
C GLY B 417 4.41 13.69 -8.43
N LYS B 418 3.17 14.20 -8.56
CA LYS B 418 2.88 15.52 -8.06
C LYS B 418 1.47 15.47 -7.46
N THR B 419 1.33 16.11 -6.31
CA THR B 419 0.10 16.23 -5.59
C THR B 419 -0.58 17.56 -5.83
N GLY B 420 -1.87 17.60 -5.49
CA GLY B 420 -2.62 18.84 -5.47
C GLY B 420 -3.82 18.76 -4.53
N THR B 421 -4.19 19.88 -4.00
CA THR B 421 -5.44 20.00 -3.27
C THR B 421 -6.17 21.28 -3.70
N ALA B 422 -7.44 21.21 -4.08
CA ALA B 422 -8.18 22.41 -4.47
C ALA B 422 -9.45 22.56 -3.65
N ASP B 423 -9.67 23.76 -3.10
CA ASP B 423 -10.91 24.08 -2.37
C ASP B 423 -12.05 24.15 -3.35
N VAL B 424 -13.21 23.61 -3.00
CA VAL B 424 -14.41 23.86 -3.79
C VAL B 424 -15.48 24.50 -2.88
N GLU B 425 -16.73 24.57 -3.33
CA GLU B 425 -17.73 25.31 -2.54
C GLU B 425 -18.16 24.56 -1.29
N ASN B 426 -18.73 25.31 -0.35
CA ASN B 426 -19.23 24.78 0.94
C ASN B 426 -18.15 24.14 1.82
N GLY B 427 -16.92 24.63 1.72
CA GLY B 427 -15.82 24.14 2.53
C GLY B 427 -15.23 22.80 2.13
N ASN B 428 -15.59 22.27 0.96
CA ASN B 428 -15.06 20.96 0.54
C ASN B 428 -13.75 21.14 -0.21
N PHE B 429 -12.89 20.14 -0.14
CA PHE B 429 -11.79 20.10 -1.10
C PHE B 429 -11.59 18.78 -1.83
N ASN B 430 -10.86 18.84 -2.94
CA ASN B 430 -10.54 17.69 -3.77
C ASN B 430 -9.05 17.44 -3.70
N SER B 431 -8.65 16.16 -3.73
CA SER B 431 -7.25 15.78 -3.64
C SER B 431 -6.83 15.12 -4.93
N PHE B 432 -5.68 15.57 -5.48
CA PHE B 432 -5.17 15.06 -6.77
C PHE B 432 -3.84 14.42 -6.60
N PHE B 433 -3.55 13.47 -7.48
CA PHE B 433 -2.20 12.98 -7.69
C PHE B 433 -2.01 12.50 -9.08
N ILE B 434 -0.86 12.85 -9.65
CA ILE B 434 -0.42 12.23 -10.91
C ILE B 434 0.97 11.67 -10.64
N GLY B 435 1.29 10.56 -11.27
CA GLY B 435 2.61 9.99 -11.05
C GLY B 435 2.88 8.83 -11.92
N PHE B 436 4.07 8.29 -11.80
CA PHE B 436 4.51 7.23 -12.71
C PHE B 436 5.48 6.31 -11.94
N ALA B 437 5.66 5.11 -12.47
CA ALA B 437 6.57 4.14 -11.88
C ALA B 437 6.90 3.07 -12.93
N PRO B 438 8.01 2.36 -12.75
CA PRO B 438 9.11 2.73 -11.83
C PRO B 438 9.78 4.01 -12.32
N TYR B 439 10.48 4.72 -11.45
CA TYR B 439 11.10 5.98 -11.80
C TYR B 439 12.04 5.84 -13.01
N ASP B 440 12.91 4.83 -12.96
CA ASP B 440 13.79 4.53 -14.10
C ASP B 440 12.93 3.65 -15.01
N HIS B 441 12.80 3.98 -16.27
CA HIS B 441 11.99 3.19 -17.21
C HIS B 441 10.53 3.00 -16.79
N PRO B 442 9.80 4.10 -16.74
CA PRO B 442 8.40 4.05 -16.30
C PRO B 442 7.61 3.19 -17.23
N THR B 443 6.71 2.37 -16.70
CA THR B 443 5.83 1.60 -17.54
C THR B 443 4.37 1.86 -17.16
N LEU B 444 4.11 2.71 -16.18
CA LEU B 444 2.73 3.04 -15.81
C LEU B 444 2.63 4.47 -15.31
N VAL B 445 1.49 5.09 -15.62
CA VAL B 445 1.13 6.39 -15.13
C VAL B 445 -0.24 6.29 -14.46
N VAL B 446 -0.43 7.06 -13.41
CA VAL B 446 -1.71 7.13 -12.74
C VAL B 446 -2.11 8.58 -12.62
N SER B 447 -3.41 8.81 -12.59
CA SER B 447 -3.98 10.10 -12.28
C SER B 447 -5.22 9.86 -11.46
N VAL B 448 -5.33 10.64 -10.39
CA VAL B 448 -6.36 10.47 -9.42
C VAL B 448 -7.00 11.78 -9.01
N VAL B 449 -8.32 11.74 -8.78
CA VAL B 449 -8.95 12.74 -7.96
C VAL B 449 -9.86 12.02 -6.98
N ILE B 450 -9.82 12.47 -5.73
CA ILE B 450 -10.72 12.06 -4.67
C ILE B 450 -11.44 13.33 -4.20
N GLU B 451 -12.77 13.33 -4.33
CA GLU B 451 -13.57 14.47 -3.92
C GLU B 451 -13.91 14.39 -2.43
N GLY B 452 -13.69 15.45 -1.69
CA GLY B 452 -14.05 15.47 -0.28
C GLY B 452 -15.52 15.82 -0.21
N ASN B 453 -16.32 15.01 0.44
CA ASN B 453 -17.76 15.33 0.44
C ASN B 453 -18.12 15.88 1.79
N GLY B 454 -17.52 17.04 2.06
CA GLY B 454 -17.35 17.52 3.42
C GLY B 454 -16.18 16.82 4.09
N GLU B 455 -16.00 15.53 3.78
CA GLU B 455 -14.95 14.70 4.38
C GLU B 455 -13.53 15.18 4.07
N ASN B 456 -12.61 14.89 4.97
CA ASN B 456 -11.23 15.41 4.88
C ASN B 456 -10.31 14.43 4.16
N VAL B 457 -9.99 14.74 2.92
CA VAL B 457 -9.28 13.83 2.03
C VAL B 457 -7.89 14.39 1.69
N LEU B 458 -7.36 15.31 2.50
CA LEU B 458 -6.00 15.81 2.33
C LEU B 458 -5.01 14.66 2.20
N GLY B 459 -4.26 14.61 1.12
CA GLY B 459 -3.29 13.55 0.98
C GLY B 459 -3.80 12.25 0.39
N TYR B 460 -5.11 12.11 0.21
CA TYR B 460 -5.63 10.81 -0.21
C TYR B 460 -5.32 10.50 -1.64
N GLY B 461 -5.21 11.51 -2.48
CA GLY B 461 -4.91 11.26 -3.89
C GLY B 461 -3.59 10.50 -4.00
N ALA B 462 -2.58 10.97 -3.24
CA ALA B 462 -1.25 10.38 -3.24
C ALA B 462 -1.28 8.95 -2.68
N GLN B 463 -2.03 8.74 -1.60
CA GLN B 463 -2.06 7.41 -1.00
C GLN B 463 -2.69 6.43 -2.02
N VAL B 464 -3.80 6.84 -2.63
CA VAL B 464 -4.48 6.00 -3.61
C VAL B 464 -3.60 5.73 -4.81
N GLY B 465 -2.96 6.80 -5.28
CA GLY B 465 -2.10 6.74 -6.40
C GLY B 465 -0.95 5.78 -6.24
N GLY B 466 -0.21 5.88 -5.16
CA GLY B 466 0.85 4.92 -4.86
C GLY B 466 0.38 3.47 -4.85
N ARG B 467 -0.73 3.22 -4.17
CA ARG B 467 -1.22 1.86 -4.02
C ARG B 467 -1.60 1.31 -5.36
N VAL B 468 -2.30 2.13 -6.17
CA VAL B 468 -2.73 1.65 -7.47
C VAL B 468 -1.52 1.35 -8.37
N LEU B 469 -0.52 2.22 -8.37
CA LEU B 469 0.67 1.96 -9.19
C LEU B 469 1.35 0.67 -8.79
N ALA B 470 1.58 0.52 -7.50
CA ALA B 470 2.26 -0.66 -6.99
C ALA B 470 1.50 -1.96 -7.33
N GLN B 471 0.18 -1.95 -7.14
CA GLN B 471 -0.63 -3.14 -7.47
C GLN B 471 -0.69 -3.39 -8.98
N CYS B 472 -0.80 -2.33 -9.79
CA CYS B 472 -0.78 -2.54 -11.23
C CYS B 472 0.60 -3.00 -11.75
N LEU B 473 1.68 -2.52 -11.14
CA LEU B 473 3.01 -3.04 -11.48
C LEU B 473 3.10 -4.55 -11.25
N ASN B 474 2.58 -5.00 -10.11
CA ASN B 474 2.54 -6.41 -9.76
C ASN B 474 1.79 -7.20 -10.84
N ILE B 475 0.65 -6.69 -11.27
CA ILE B 475 -0.10 -7.32 -12.33
C ILE B 475 0.71 -7.35 -13.62
N GLN B 476 1.36 -6.22 -13.98
CA GLN B 476 2.26 -6.19 -15.12
C GLN B 476 3.32 -7.27 -15.01
N ALA B 477 3.88 -7.43 -13.82
CA ALA B 477 4.93 -8.41 -13.62
C ALA B 477 4.49 -9.87 -13.78
N LEU B 478 3.19 -10.15 -13.92
CA LEU B 478 2.72 -11.54 -13.96
C LEU B 478 2.35 -12.04 -15.36
#